data_4GAP
#
_entry.id   4GAP
#
_cell.length_a   116.013
_cell.length_b   164.478
_cell.length_c   70.192
_cell.angle_alpha   90.00
_cell.angle_beta   90.00
_cell.angle_gamma   90.00
#
_symmetry.space_group_name_H-M   'P 21 21 21'
#
loop_
_entity.id
_entity.type
_entity.pdbx_description
1 polymer 'Rotenone-insensitive NADH-ubiquinone oxidoreductase'
2 non-polymer 'FLAVIN-ADENINE DINUCLEOTIDE'
3 non-polymer NICOTINAMIDE-ADENINE-DINUCLEOTIDE
#
_entity_poly.entity_id   1
_entity_poly.type   'polypeptide(L)'
_entity_poly.pdbx_seq_one_letter_code
;MKVIDPQHSDKPNVLILGSGWGAISFLKHIDTKKYNVSIISPRSYFLFTPLLPSAPVGTVDEKSIIEPIVNFALKKKGNV
TYYEAEATSINPDRNTVTIKSLSAVSQLYQPENHLGLHQAEPAEIKYDYLISAVGAEPNTFGIPGVTDYGHFLKEIPNSL
EIRRTFAANLEKANLLPKGDPERRRLLSIVVVGGGPTGVEAAGELQDYVHQDLRKFLPALAEEVQIHLVEALPIVLNMFE
KKLSSYAQSHLENTSIKVHLRTAVAKVEEKQLLAKTKHEDGKITEETIPYGTLIWATGNKARPVITDLFKKIPEQNSSKR
GLAVNDFLQVKGSNNIFAIGDNAFAGLPPTAQVAHQEAEYLAKNFDKMAQIPNFQKNLSSRKDKIDLLFEENNFKPFKYN
DLGALAYLGSERAIATIRSGKRTFYTGGGLMTFYLWRILYLSMILSARSRLKVFFDWIKLAFFKRDFFKGL
;
_entity_poly.pdbx_strand_id   A,B
#
loop_
_chem_comp.id
_chem_comp.type
_chem_comp.name
_chem_comp.formula
FAD non-polymer 'FLAVIN-ADENINE DINUCLEOTIDE' 'C27 H33 N9 O15 P2'
NAD non-polymer NICOTINAMIDE-ADENINE-DINUCLEOTIDE 'C21 H27 N7 O14 P2'
#
# COMPACT_ATOMS: atom_id res chain seq x y z
N MET A 1 26.66 2.17 -27.67
CA MET A 1 26.73 3.66 -27.71
C MET A 1 26.32 4.24 -26.35
N LYS A 2 26.48 5.56 -26.21
CA LYS A 2 26.10 6.32 -25.01
C LYS A 2 26.88 5.96 -23.74
N VAL A 3 27.86 6.80 -23.41
CA VAL A 3 28.75 6.58 -22.27
C VAL A 3 28.74 7.77 -21.32
N ILE A 4 28.29 7.57 -20.08
CA ILE A 4 28.31 8.62 -19.06
C ILE A 4 29.64 8.55 -18.31
N ASP A 5 30.33 9.68 -18.20
CA ASP A 5 31.67 9.74 -17.65
C ASP A 5 32.00 11.12 -17.06
N PRO A 6 31.54 11.38 -15.83
CA PRO A 6 31.86 12.64 -15.17
C PRO A 6 33.22 12.54 -14.45
N GLN A 7 34.14 13.43 -14.78
CA GLN A 7 35.45 13.46 -14.12
C GLN A 7 36.15 14.83 -14.23
N HIS A 8 35.43 15.90 -13.89
CA HIS A 8 36.06 17.21 -13.66
C HIS A 8 36.69 17.20 -12.29
N SER A 9 36.12 16.41 -11.38
CA SER A 9 36.61 16.28 -10.01
C SER A 9 37.89 15.47 -9.94
N ASP A 10 38.72 15.77 -8.94
CA ASP A 10 39.97 15.05 -8.69
C ASP A 10 39.75 13.91 -7.69
N LYS A 11 38.54 13.34 -7.69
CA LYS A 11 38.17 12.23 -6.83
C LYS A 11 37.83 11.01 -7.69
N PRO A 12 38.18 9.80 -7.21
CA PRO A 12 37.83 8.61 -7.99
C PRO A 12 36.33 8.36 -8.04
N ASN A 13 35.85 7.96 -9.21
CA ASN A 13 34.45 7.60 -9.39
C ASN A 13 34.16 6.19 -8.88
N VAL A 14 33.61 6.12 -7.67
CA VAL A 14 33.16 4.86 -7.09
C VAL A 14 31.71 4.60 -7.51
N LEU A 15 31.45 3.42 -8.05
CA LEU A 15 30.14 3.04 -8.58
C LEU A 15 29.62 1.83 -7.82
N ILE A 16 28.41 1.94 -7.28
CA ILE A 16 27.80 0.85 -6.51
C ILE A 16 26.65 0.20 -7.27
N LEU A 17 26.68 -1.12 -7.35
CA LEU A 17 25.56 -1.87 -7.91
C LEU A 17 24.71 -2.46 -6.79
N GLY A 18 23.47 -1.98 -6.67
CA GLY A 18 22.52 -2.50 -5.69
C GLY A 18 22.03 -1.46 -4.72
N SER A 19 20.90 -1.74 -4.06
CA SER A 19 20.37 -0.89 -3.01
C SER A 19 19.98 -1.69 -1.77
N GLY A 20 20.75 -2.75 -1.50
CA GLY A 20 20.44 -3.70 -0.43
C GLY A 20 21.23 -3.49 0.84
N TRP A 21 21.68 -4.58 1.44
CA TRP A 21 22.47 -4.52 2.67
C TRP A 21 23.88 -4.09 2.39
N GLY A 22 24.55 -4.80 1.49
CA GLY A 22 25.90 -4.41 1.09
C GLY A 22 25.93 -2.99 0.58
N ALA A 23 25.24 -2.76 -0.53
CA ALA A 23 25.24 -1.46 -1.21
C ALA A 23 24.95 -0.29 -0.26
N ILE A 24 23.96 -0.44 0.62
CA ILE A 24 23.57 0.66 1.51
C ILE A 24 24.50 0.79 2.73
N SER A 25 24.81 -0.32 3.37
CA SER A 25 25.77 -0.31 4.47
C SER A 25 27.09 0.32 4.03
N PHE A 26 27.51 0.00 2.80
CA PHE A 26 28.69 0.62 2.20
C PHE A 26 28.49 2.13 2.06
N LEU A 27 27.35 2.52 1.51
CA LEU A 27 27.03 3.92 1.31
C LEU A 27 27.05 4.70 2.63
N LYS A 28 26.50 4.08 3.68
CA LYS A 28 26.45 4.71 4.99
C LYS A 28 27.82 5.11 5.54
N HIS A 29 28.87 4.38 5.17
CA HIS A 29 30.21 4.61 5.72
C HIS A 29 31.24 5.11 4.74
N ILE A 30 30.96 5.07 3.43
CA ILE A 30 31.91 5.57 2.42
C ILE A 30 32.12 7.07 2.59
N ASP A 31 33.35 7.52 2.34
CA ASP A 31 33.70 8.94 2.48
C ASP A 31 33.45 9.68 1.15
N THR A 32 32.35 10.42 1.11
CA THR A 32 31.94 11.13 -0.10
C THR A 32 32.73 12.42 -0.33
N LYS A 33 33.58 12.79 0.63
CA LYS A 33 34.52 13.90 0.46
C LYS A 33 35.70 13.46 -0.42
N LYS A 34 36.13 12.21 -0.22
CA LYS A 34 37.25 11.65 -0.97
C LYS A 34 36.82 11.04 -2.30
N TYR A 35 35.56 10.59 -2.39
CA TYR A 35 35.07 9.86 -3.57
C TYR A 35 33.75 10.42 -4.09
N ASN A 36 33.56 10.30 -5.40
CA ASN A 36 32.28 10.58 -6.06
C ASN A 36 31.52 9.28 -6.21
N VAL A 37 30.39 9.15 -5.52
CA VAL A 37 29.61 7.92 -5.51
C VAL A 37 28.43 7.98 -6.49
N SER A 38 28.27 6.90 -7.23
CA SER A 38 27.10 6.69 -8.06
C SER A 38 26.53 5.32 -7.73
N ILE A 39 25.19 5.22 -7.67
CA ILE A 39 24.49 3.96 -7.44
C ILE A 39 23.62 3.58 -8.64
N ILE A 40 23.64 2.31 -9.00
CA ILE A 40 22.69 1.76 -9.96
C ILE A 40 21.86 0.68 -9.28
N SER A 41 20.54 0.84 -9.30
CA SER A 41 19.63 -0.20 -8.83
C SER A 41 18.23 0.06 -9.39
N PRO A 42 17.51 -1.02 -9.76
CA PRO A 42 16.12 -0.87 -10.17
C PRO A 42 15.20 -0.59 -8.98
N ARG A 43 15.63 -0.97 -7.79
CA ARG A 43 14.88 -0.69 -6.59
C ARG A 43 15.34 0.62 -6.00
N SER A 44 14.40 1.55 -5.81
CA SER A 44 14.72 2.89 -5.32
C SER A 44 14.68 2.99 -3.79
N TYR A 45 14.62 1.84 -3.12
CA TYR A 45 14.54 1.80 -1.67
C TYR A 45 15.33 0.62 -1.10
N PHE A 46 15.78 0.80 0.13
CA PHE A 46 16.40 -0.26 0.90
C PHE A 46 15.33 -1.13 1.50
N LEU A 47 15.56 -2.44 1.54
CA LEU A 47 14.60 -3.39 2.07
C LEU A 47 15.16 -4.11 3.29
N PHE A 48 14.51 -3.93 4.44
CA PHE A 48 14.91 -4.64 5.64
C PHE A 48 14.39 -6.06 5.57
N THR A 49 15.15 -6.93 4.92
CA THR A 49 14.70 -8.27 4.59
C THR A 49 14.26 -9.14 5.79
N PRO A 50 14.82 -8.92 6.99
CA PRO A 50 14.43 -9.78 8.11
C PRO A 50 12.97 -9.73 8.54
N LEU A 51 12.25 -8.65 8.24
CA LEU A 51 10.82 -8.56 8.54
C LEU A 51 9.94 -8.74 7.31
N LEU A 52 10.54 -9.10 6.17
CA LEU A 52 9.76 -9.33 4.97
C LEU A 52 8.68 -10.42 5.16
N PRO A 53 8.93 -11.41 6.04
CA PRO A 53 7.88 -12.41 6.30
C PRO A 53 6.70 -11.92 7.13
N SER A 54 6.72 -10.66 7.54
CA SER A 54 5.60 -10.07 8.27
C SER A 54 4.69 -9.24 7.37
N ALA A 55 5.20 -8.86 6.20
CA ALA A 55 4.49 -7.96 5.31
C ALA A 55 3.16 -8.53 4.82
N PRO A 56 3.15 -9.75 4.25
CA PRO A 56 1.96 -10.26 3.55
C PRO A 56 0.76 -10.36 4.45
N VAL A 57 0.97 -10.94 5.62
CA VAL A 57 -0.07 -11.10 6.62
C VAL A 57 -0.38 -9.80 7.36
N GLY A 58 0.50 -8.82 7.25
CA GLY A 58 0.22 -7.48 7.74
C GLY A 58 0.50 -7.25 9.22
N THR A 59 1.45 -7.99 9.78
CA THR A 59 1.96 -7.72 11.11
C THR A 59 2.66 -6.36 11.08
N VAL A 60 3.38 -6.16 9.98
CA VAL A 60 4.07 -4.91 9.68
C VAL A 60 3.65 -4.53 8.27
N ASP A 61 3.66 -3.24 7.95
CA ASP A 61 3.29 -2.81 6.60
C ASP A 61 4.50 -2.80 5.69
N GLU A 62 4.28 -3.14 4.42
CA GLU A 62 5.30 -3.07 3.39
C GLU A 62 6.11 -1.77 3.43
N LYS A 63 5.44 -0.65 3.67
CA LYS A 63 6.13 0.65 3.77
C LYS A 63 6.97 0.79 5.04
N SER A 64 6.61 0.07 6.11
CA SER A 64 7.33 0.20 7.39
C SER A 64 8.74 -0.36 7.36
N ILE A 65 8.99 -1.30 6.44
CA ILE A 65 10.27 -2.01 6.39
C ILE A 65 11.13 -1.60 5.20
N ILE A 66 10.77 -0.51 4.53
CA ILE A 66 11.57 0.03 3.41
C ILE A 66 11.94 1.50 3.61
N GLU A 67 13.02 1.92 2.96
CA GLU A 67 13.56 3.27 3.08
C GLU A 67 14.14 3.70 1.73
N PRO A 68 13.74 4.89 1.23
CA PRO A 68 14.30 5.39 -0.03
C PRO A 68 15.81 5.54 0.01
N ILE A 69 16.46 5.21 -1.11
CA ILE A 69 17.90 5.38 -1.27
C ILE A 69 18.28 6.83 -1.01
N VAL A 70 17.51 7.76 -1.57
CA VAL A 70 17.86 9.19 -1.50
C VAL A 70 17.89 9.75 -0.07
N ASN A 71 17.14 9.11 0.84
CA ASN A 71 17.18 9.49 2.25
C ASN A 71 18.53 9.20 2.89
N PHE A 72 19.20 8.15 2.43
CA PHE A 72 20.55 7.83 2.91
C PHE A 72 21.57 8.79 2.32
N ALA A 73 21.58 8.87 0.98
CA ALA A 73 22.46 9.77 0.22
C ALA A 73 22.39 11.23 0.67
N LEU A 74 21.27 11.61 1.28
CA LEU A 74 21.09 12.99 1.75
C LEU A 74 21.96 13.28 2.98
N LYS A 75 22.25 12.25 3.77
CA LYS A 75 23.12 12.41 4.95
C LYS A 75 24.60 12.47 4.54
N LYS A 76 24.92 11.87 3.39
CA LYS A 76 26.26 11.99 2.80
C LYS A 76 26.41 13.40 2.24
N LYS A 77 27.46 14.10 2.66
CA LYS A 77 27.65 15.49 2.26
C LYS A 77 28.04 15.64 0.79
N GLY A 78 28.90 14.74 0.30
CA GLY A 78 29.38 14.83 -1.07
C GLY A 78 28.37 14.41 -2.14
N ASN A 79 28.89 14.28 -3.37
CA ASN A 79 28.07 13.99 -4.54
C ASN A 79 27.59 12.54 -4.57
N VAL A 80 26.28 12.36 -4.61
CA VAL A 80 25.69 11.05 -4.82
C VAL A 80 24.76 11.13 -6.03
N THR A 81 24.91 10.19 -6.95
CA THR A 81 24.00 10.05 -8.08
C THR A 81 23.36 8.69 -8.04
N TYR A 82 22.03 8.66 -8.19
CA TYR A 82 21.31 7.40 -8.24
C TYR A 82 20.64 7.19 -9.59
N TYR A 83 21.08 6.17 -10.29
CA TYR A 83 20.39 5.72 -11.49
C TYR A 83 19.39 4.64 -11.08
N GLU A 84 18.11 4.89 -11.32
CA GLU A 84 17.11 3.85 -11.14
C GLU A 84 17.08 3.00 -12.40
N ALA A 85 17.91 1.97 -12.44
CA ALA A 85 17.95 1.03 -13.56
C ALA A 85 18.64 -0.25 -13.14
N GLU A 86 18.62 -1.25 -14.00
CA GLU A 86 19.31 -2.51 -13.71
C GLU A 86 20.56 -2.67 -14.58
N ALA A 87 21.65 -3.12 -13.95
CA ALA A 87 22.90 -3.39 -14.63
C ALA A 87 22.77 -4.69 -15.40
N THR A 88 22.99 -4.64 -16.72
CA THR A 88 22.84 -5.83 -17.56
C THR A 88 24.17 -6.48 -17.95
N SER A 89 25.23 -5.69 -18.02
CA SER A 89 26.56 -6.21 -18.34
C SER A 89 27.63 -5.43 -17.58
N ILE A 90 28.60 -6.15 -17.01
CA ILE A 90 29.78 -5.52 -16.44
C ILE A 90 30.91 -5.72 -17.42
N ASN A 91 31.61 -4.62 -17.73
CA ASN A 91 32.65 -4.59 -18.76
C ASN A 91 33.98 -4.17 -18.14
N PRO A 92 34.83 -5.15 -17.78
CA PRO A 92 36.04 -4.82 -17.03
C PRO A 92 37.08 -4.09 -17.87
N ASP A 93 37.24 -4.54 -19.10
CA ASP A 93 38.18 -3.92 -20.07
C ASP A 93 37.90 -2.43 -20.31
N ARG A 94 36.63 -2.05 -20.36
CA ARG A 94 36.21 -0.66 -20.57
C ARG A 94 35.94 0.09 -19.26
N ASN A 95 35.86 -0.65 -18.16
CA ASN A 95 35.49 -0.11 -16.85
C ASN A 95 34.17 0.67 -16.90
N THR A 96 33.19 0.06 -17.55
CA THR A 96 31.81 0.56 -17.57
C THR A 96 30.84 -0.54 -17.19
N VAL A 97 29.61 -0.13 -16.88
CA VAL A 97 28.53 -1.06 -16.59
C VAL A 97 27.36 -0.66 -17.47
N THR A 98 26.93 -1.54 -18.35
CA THR A 98 25.78 -1.28 -19.21
C THR A 98 24.51 -1.37 -18.38
N ILE A 99 23.64 -0.37 -18.49
CA ILE A 99 22.36 -0.38 -17.78
C ILE A 99 21.18 -0.40 -18.76
N LYS A 100 20.04 -0.81 -18.24
CA LYS A 100 18.83 -1.01 -19.02
C LYS A 100 17.64 -0.68 -18.11
N SER A 101 16.52 -0.29 -18.72
CA SER A 101 15.29 0.05 -17.99
C SER A 101 15.54 1.21 -17.04
N LEU A 102 16.07 2.31 -17.58
CA LEU A 102 16.34 3.50 -16.80
C LEU A 102 15.03 4.22 -16.51
N SER A 103 14.68 4.31 -15.23
CA SER A 103 13.45 4.96 -14.81
C SER A 103 13.69 6.42 -14.42
N ALA A 104 14.80 6.70 -13.74
CA ALA A 104 15.08 8.04 -13.23
C ALA A 104 16.54 8.19 -12.83
N VAL A 105 17.04 9.42 -12.86
CA VAL A 105 18.37 9.73 -12.36
C VAL A 105 18.29 10.89 -11.37
N SER A 106 18.69 10.64 -10.13
CA SER A 106 18.70 11.69 -9.10
C SER A 106 20.13 12.09 -8.78
N GLN A 107 20.43 13.38 -8.90
CA GLN A 107 21.74 13.91 -8.57
C GLN A 107 21.63 14.79 -7.34
N LEU A 108 22.13 14.29 -6.21
CA LEU A 108 21.95 14.96 -4.92
C LEU A 108 23.24 15.65 -4.52
N TYR A 109 23.12 16.86 -3.97
CA TYR A 109 24.27 17.73 -3.67
C TYR A 109 25.10 18.02 -4.94
N GLN A 110 24.41 18.14 -6.07
CA GLN A 110 25.06 18.43 -7.35
C GLN A 110 24.25 19.48 -8.12
N PRO A 111 24.47 20.76 -7.82
CA PRO A 111 23.89 21.80 -8.65
C PRO A 111 24.71 21.97 -9.94
N GLU A 112 24.66 20.97 -10.81
CA GLU A 112 25.54 20.94 -12.00
C GLU A 112 24.87 20.30 -13.23
N ASN A 113 25.45 19.23 -13.76
CA ASN A 113 25.24 18.85 -15.18
C ASN A 113 23.90 18.18 -15.50
N HIS A 114 23.67 18.03 -16.81
CA HIS A 114 22.53 17.32 -17.35
C HIS A 114 23.04 16.23 -18.24
N LEU A 115 22.74 14.97 -17.89
CA LEU A 115 23.33 13.81 -18.57
C LEU A 115 22.78 13.54 -19.98
N GLY A 116 21.60 14.07 -20.29
CA GLY A 116 21.00 13.87 -21.61
C GLY A 116 20.47 12.47 -21.84
N LEU A 117 20.01 11.83 -20.77
CA LEU A 117 19.44 10.48 -20.86
C LEU A 117 17.93 10.53 -21.03
N HIS A 118 17.37 9.48 -21.66
CA HIS A 118 15.93 9.32 -21.77
C HIS A 118 15.53 8.01 -21.15
N GLN A 119 14.24 7.88 -20.83
CA GLN A 119 13.75 6.68 -20.13
C GLN A 119 13.87 5.43 -20.99
N ALA A 120 14.25 4.32 -20.36
CA ALA A 120 14.44 3.03 -21.02
C ALA A 120 15.42 3.11 -22.19
N GLU A 121 16.47 3.93 -22.04
CA GLU A 121 17.51 4.08 -23.03
C GLU A 121 18.76 3.37 -22.49
N PRO A 122 19.46 2.60 -23.33
CA PRO A 122 20.65 1.91 -22.83
C PRO A 122 21.82 2.87 -22.70
N ALA A 123 22.69 2.62 -21.73
CA ALA A 123 23.84 3.49 -21.46
C ALA A 123 24.94 2.80 -20.64
N GLU A 124 26.19 3.11 -20.96
CA GLU A 124 27.33 2.60 -20.21
C GLU A 124 27.79 3.63 -19.18
N ILE A 125 27.86 3.22 -17.91
CA ILE A 125 28.29 4.11 -16.85
C ILE A 125 29.74 3.78 -16.49
N LYS A 126 30.65 4.72 -16.74
CA LYS A 126 32.06 4.55 -16.41
C LYS A 126 32.30 4.54 -14.90
N TYR A 127 33.36 3.87 -14.47
CA TYR A 127 33.74 3.82 -13.07
C TYR A 127 35.25 3.71 -12.92
N ASP A 128 35.76 4.27 -11.83
CA ASP A 128 37.14 4.07 -11.42
C ASP A 128 37.21 2.86 -10.50
N TYR A 129 36.25 2.77 -9.57
CA TYR A 129 36.08 1.57 -8.74
C TYR A 129 34.63 1.10 -8.78
N LEU A 130 34.46 -0.22 -8.76
CA LEU A 130 33.12 -0.83 -8.81
C LEU A 130 32.89 -1.69 -7.57
N ILE A 131 31.77 -1.48 -6.88
CA ILE A 131 31.33 -2.37 -5.83
C ILE A 131 30.05 -3.06 -6.28
N SER A 132 30.10 -4.39 -6.33
CA SER A 132 28.99 -5.20 -6.79
C SER A 132 28.28 -5.84 -5.61
N ALA A 133 27.08 -5.33 -5.29
CA ALA A 133 26.25 -5.85 -4.19
C ALA A 133 24.83 -6.06 -4.69
N VAL A 134 24.69 -6.74 -5.84
CA VAL A 134 23.39 -6.98 -6.47
C VAL A 134 22.58 -8.11 -5.82
N GLY A 135 23.16 -8.81 -4.85
CA GLY A 135 22.48 -9.91 -4.19
C GLY A 135 22.29 -11.10 -5.12
N ALA A 136 21.68 -12.15 -4.58
CA ALA A 136 21.38 -13.36 -5.33
C ALA A 136 19.91 -13.36 -5.75
N GLU A 137 19.53 -14.34 -6.55
CA GLU A 137 18.12 -14.51 -6.92
C GLU A 137 17.63 -15.90 -6.52
N PRO A 138 16.30 -16.05 -6.36
CA PRO A 138 15.77 -17.31 -5.83
C PRO A 138 16.04 -18.51 -6.74
N ASN A 139 16.40 -19.64 -6.13
CA ASN A 139 16.74 -20.85 -6.85
C ASN A 139 15.61 -21.87 -6.79
N THR A 140 15.11 -22.25 -7.96
CA THR A 140 14.06 -23.25 -8.08
C THR A 140 14.64 -24.65 -8.26
N PHE A 141 15.95 -24.75 -8.42
CA PHE A 141 16.65 -26.02 -8.63
C PHE A 141 16.17 -26.75 -9.89
N GLY A 142 15.64 -26.01 -10.85
CA GLY A 142 15.05 -26.59 -12.05
C GLY A 142 13.85 -27.49 -11.78
N ILE A 143 13.23 -27.35 -10.60
CA ILE A 143 12.08 -28.16 -10.24
C ILE A 143 10.87 -27.59 -10.96
N PRO A 144 10.31 -28.33 -11.93
CA PRO A 144 9.33 -27.75 -12.84
C PRO A 144 8.11 -27.20 -12.12
N GLY A 145 7.57 -26.08 -12.63
CA GLY A 145 6.35 -25.47 -12.08
C GLY A 145 6.55 -24.39 -11.03
N VAL A 146 7.67 -24.40 -10.32
CA VAL A 146 7.86 -23.50 -9.16
C VAL A 146 7.44 -22.06 -9.46
N THR A 147 8.00 -21.47 -10.51
CA THR A 147 7.65 -20.10 -10.91
C THR A 147 6.22 -20.01 -11.46
N ASP A 148 5.81 -20.96 -12.28
CA ASP A 148 4.45 -20.98 -12.83
C ASP A 148 3.36 -20.86 -11.76
N TYR A 149 3.46 -21.66 -10.69
CA TYR A 149 2.41 -21.72 -9.68
C TYR A 149 2.80 -21.27 -8.26
N GLY A 150 4.05 -20.86 -8.05
CA GLY A 150 4.53 -20.54 -6.68
C GLY A 150 4.99 -19.09 -6.52
N HIS A 151 5.17 -18.69 -5.27
CA HIS A 151 5.57 -17.31 -4.96
C HIS A 151 6.82 -17.30 -4.13
N PHE A 152 7.80 -16.50 -4.55
CA PHE A 152 9.00 -16.31 -3.75
C PHE A 152 8.69 -15.33 -2.61
N LEU A 153 9.52 -15.33 -1.56
CA LEU A 153 9.43 -14.31 -0.52
C LEU A 153 10.79 -13.61 -0.45
N LYS A 154 10.94 -12.59 -1.30
CA LYS A 154 12.26 -12.09 -1.69
C LYS A 154 12.25 -10.57 -1.75
N GLU A 155 11.25 -9.99 -2.42
CA GLU A 155 11.09 -8.54 -2.54
C GLU A 155 9.67 -8.13 -2.12
N ILE A 156 9.37 -6.83 -2.18
CA ILE A 156 8.09 -6.33 -1.68
C ILE A 156 6.90 -6.77 -2.52
N PRO A 157 7.02 -6.71 -3.86
CA PRO A 157 5.94 -7.21 -4.76
C PRO A 157 5.52 -8.65 -4.50
N ASN A 158 6.47 -9.48 -4.10
CA ASN A 158 6.16 -10.83 -3.63
C ASN A 158 5.21 -10.84 -2.45
N SER A 159 5.34 -9.88 -1.52
CA SER A 159 4.46 -9.85 -0.36
C SER A 159 3.02 -9.56 -0.76
N LEU A 160 2.83 -8.60 -1.65
CA LEU A 160 1.49 -8.32 -2.18
C LEU A 160 0.96 -9.55 -2.92
N GLU A 161 1.80 -10.15 -3.77
CA GLU A 161 1.44 -11.30 -4.59
C GLU A 161 0.88 -12.45 -3.77
N ILE A 162 1.43 -12.61 -2.57
CA ILE A 162 1.03 -13.68 -1.67
C ILE A 162 -0.31 -13.37 -1.01
N ARG A 163 -0.44 -12.14 -0.54
CA ARG A 163 -1.69 -11.72 0.10
C ARG A 163 -2.86 -11.83 -0.88
N ARG A 164 -2.66 -11.35 -2.10
CA ARG A 164 -3.68 -11.45 -3.15
C ARG A 164 -4.11 -12.89 -3.41
N THR A 165 -3.16 -13.80 -3.40
CA THR A 165 -3.46 -15.20 -3.61
C THR A 165 -4.25 -15.77 -2.45
N PHE A 166 -3.73 -15.60 -1.24
CA PHE A 166 -4.38 -16.13 -0.05
C PHE A 166 -5.76 -15.52 0.12
N ALA A 167 -5.83 -14.20 0.02
CA ALA A 167 -7.11 -13.48 0.01
C ALA A 167 -8.10 -14.10 -0.98
N ALA A 168 -7.66 -14.30 -2.22
CA ALA A 168 -8.53 -14.85 -3.27
C ALA A 168 -9.05 -16.25 -2.93
N ASN A 169 -8.20 -17.07 -2.33
CA ASN A 169 -8.59 -18.41 -1.94
C ASN A 169 -9.57 -18.40 -0.78
N LEU A 170 -9.33 -17.54 0.21
CA LEU A 170 -10.28 -17.36 1.31
C LEU A 170 -11.68 -17.01 0.80
N GLU A 171 -11.73 -16.09 -0.15
CA GLU A 171 -13.00 -15.69 -0.77
C GLU A 171 -13.69 -16.85 -1.49
N LYS A 172 -12.94 -17.56 -2.34
CA LYS A 172 -13.47 -18.67 -3.14
C LYS A 172 -13.91 -19.84 -2.28
N ALA A 173 -13.08 -20.21 -1.32
CA ALA A 173 -13.33 -21.37 -0.49
C ALA A 173 -14.56 -21.18 0.37
N ASN A 174 -14.72 -19.99 0.94
CA ASN A 174 -15.83 -19.71 1.85
C ASN A 174 -17.19 -19.85 1.19
N LEU A 175 -17.23 -19.71 -0.13
CA LEU A 175 -18.45 -19.92 -0.90
C LEU A 175 -18.80 -21.40 -1.02
N LEU A 176 -17.80 -22.28 -1.01
CA LEU A 176 -18.03 -23.72 -1.09
C LEU A 176 -18.46 -24.25 0.29
N PRO A 177 -19.19 -25.39 0.32
CA PRO A 177 -19.64 -25.98 1.57
C PRO A 177 -18.52 -26.72 2.31
N LYS A 178 -18.65 -26.83 3.63
CA LYS A 178 -17.59 -27.38 4.49
C LYS A 178 -17.00 -28.69 3.98
N GLY A 179 -17.87 -29.61 3.57
CA GLY A 179 -17.45 -30.91 3.05
C GLY A 179 -16.46 -30.82 1.91
N ASP A 180 -16.80 -30.05 0.88
CA ASP A 180 -16.04 -30.00 -0.38
C ASP A 180 -14.53 -30.11 -0.15
N PRO A 181 -13.87 -31.08 -0.83
CA PRO A 181 -12.41 -31.15 -0.73
C PRO A 181 -11.70 -29.96 -1.37
N GLU A 182 -12.34 -29.35 -2.37
CA GLU A 182 -11.81 -28.12 -2.97
C GLU A 182 -11.66 -27.00 -1.96
N ARG A 183 -12.64 -26.90 -1.05
CA ARG A 183 -12.60 -25.91 0.03
C ARG A 183 -11.40 -26.15 0.95
N ARG A 184 -11.16 -27.42 1.28
CA ARG A 184 -10.01 -27.77 2.10
C ARG A 184 -8.70 -27.46 1.37
N ARG A 185 -8.66 -27.71 0.07
CA ARG A 185 -7.46 -27.44 -0.72
C ARG A 185 -7.17 -25.94 -0.80
N LEU A 186 -8.18 -25.17 -1.19
CA LEU A 186 -8.01 -23.72 -1.34
C LEU A 186 -7.51 -23.08 -0.03
N LEU A 187 -7.91 -23.66 1.10
CA LEU A 187 -7.43 -23.21 2.40
C LEU A 187 -6.08 -23.83 2.80
N SER A 188 -5.45 -24.55 1.88
CA SER A 188 -4.14 -25.17 2.12
C SER A 188 -2.98 -24.25 1.71
N ILE A 189 -1.99 -24.15 2.59
CA ILE A 189 -0.76 -23.40 2.31
C ILE A 189 0.45 -24.32 2.43
N VAL A 190 1.42 -24.16 1.54
CA VAL A 190 2.64 -24.97 1.54
C VAL A 190 3.85 -24.04 1.46
N VAL A 191 4.62 -23.99 2.54
CA VAL A 191 5.84 -23.17 2.58
C VAL A 191 7.07 -24.08 2.44
N VAL A 192 7.65 -24.12 1.24
CA VAL A 192 8.85 -24.93 0.98
C VAL A 192 10.10 -24.24 1.53
N GLY A 193 10.83 -24.94 2.39
CA GLY A 193 12.05 -24.42 3.00
C GLY A 193 11.92 -24.25 4.51
N GLY A 194 12.73 -24.98 5.26
CA GLY A 194 12.77 -24.88 6.72
C GLY A 194 13.81 -23.89 7.23
N GLY A 195 14.35 -23.07 6.32
CA GLY A 195 15.20 -21.96 6.71
C GLY A 195 14.35 -20.88 7.34
N PRO A 196 14.96 -20.02 8.18
CA PRO A 196 14.26 -18.98 8.94
C PRO A 196 13.20 -18.20 8.17
N THR A 197 13.46 -17.93 6.90
CA THR A 197 12.49 -17.29 6.03
C THR A 197 11.19 -18.08 6.03
N GLY A 198 11.28 -19.37 5.70
CA GLY A 198 10.12 -20.25 5.67
C GLY A 198 9.48 -20.45 7.04
N VAL A 199 10.30 -20.68 8.04
CA VAL A 199 9.80 -20.84 9.40
C VAL A 199 9.02 -19.59 9.80
N GLU A 200 9.62 -18.42 9.61
CA GLU A 200 8.96 -17.16 9.96
C GLU A 200 7.72 -16.90 9.11
N ALA A 201 7.78 -17.24 7.82
CA ALA A 201 6.63 -17.06 6.93
C ALA A 201 5.45 -17.97 7.34
N ALA A 202 5.74 -19.25 7.53
CA ALA A 202 4.75 -20.20 8.01
C ALA A 202 4.15 -19.74 9.35
N GLY A 203 5.00 -19.28 10.26
CA GLY A 203 4.57 -18.80 11.57
C GLY A 203 3.68 -17.57 11.53
N GLU A 204 4.06 -16.59 10.71
CA GLU A 204 3.30 -15.35 10.59
C GLU A 204 1.92 -15.62 10.01
N LEU A 205 1.90 -16.31 8.87
CA LEU A 205 0.65 -16.75 8.24
C LEU A 205 -0.26 -17.42 9.25
N GLN A 206 0.30 -18.25 10.11
CA GLN A 206 -0.47 -18.92 11.15
C GLN A 206 -1.06 -17.92 12.13
N ASP A 207 -0.22 -17.02 12.67
CA ASP A 207 -0.69 -16.02 13.65
C ASP A 207 -1.94 -15.31 13.16
N TYR A 208 -1.92 -14.93 11.89
CA TYR A 208 -3.07 -14.29 11.27
C TYR A 208 -4.28 -15.21 11.31
N VAL A 209 -4.10 -16.43 10.81
CA VAL A 209 -5.20 -17.39 10.71
C VAL A 209 -5.81 -17.64 12.09
N HIS A 210 -4.95 -17.81 13.09
CA HIS A 210 -5.43 -17.99 14.47
C HIS A 210 -6.00 -16.75 15.07
N GLN A 211 -5.31 -15.62 14.92
CA GLN A 211 -5.66 -14.41 15.68
C GLN A 211 -6.69 -13.50 15.01
N ASP A 212 -6.76 -13.52 13.68
CA ASP A 212 -7.59 -12.56 12.94
C ASP A 212 -8.73 -13.20 12.18
N LEU A 213 -8.41 -14.10 11.26
CA LEU A 213 -9.41 -14.77 10.45
C LEU A 213 -10.42 -15.47 11.34
N ARG A 214 -9.93 -16.08 12.42
CA ARG A 214 -10.78 -16.78 13.37
C ARG A 214 -11.82 -15.88 14.03
N LYS A 215 -11.46 -14.61 14.21
CA LYS A 215 -12.36 -13.65 14.87
C LYS A 215 -13.64 -13.38 14.09
N PHE A 216 -13.64 -13.59 12.78
CA PHE A 216 -14.85 -13.37 11.99
C PHE A 216 -15.21 -14.46 10.97
N LEU A 217 -14.33 -15.43 10.76
CA LEU A 217 -14.67 -16.61 9.95
C LEU A 217 -14.00 -17.86 10.56
N PRO A 218 -14.54 -18.33 11.71
CA PRO A 218 -13.96 -19.47 12.43
C PRO A 218 -14.16 -20.80 11.71
N ALA A 219 -15.23 -20.91 10.93
CA ALA A 219 -15.47 -22.08 10.10
C ALA A 219 -14.37 -22.25 9.05
N LEU A 220 -13.89 -21.15 8.47
CA LEU A 220 -12.77 -21.18 7.53
C LEU A 220 -11.46 -21.45 8.27
N ALA A 221 -11.21 -20.64 9.31
CA ALA A 221 -9.93 -20.68 10.03
C ALA A 221 -9.56 -22.10 10.46
N GLU A 222 -10.56 -22.84 10.96
CA GLU A 222 -10.34 -24.21 11.41
C GLU A 222 -9.86 -25.11 10.26
N GLU A 223 -10.41 -24.92 9.07
CA GLU A 223 -10.08 -25.77 7.93
C GLU A 223 -8.76 -25.41 7.24
N VAL A 224 -8.15 -24.28 7.63
CA VAL A 224 -6.87 -23.90 7.03
C VAL A 224 -5.75 -24.75 7.63
N GLN A 225 -4.93 -25.31 6.76
CA GLN A 225 -3.80 -26.14 7.15
C GLN A 225 -2.52 -25.61 6.51
N ILE A 226 -1.53 -25.30 7.34
CA ILE A 226 -0.23 -24.81 6.87
C ILE A 226 0.81 -25.93 6.94
N HIS A 227 1.45 -26.20 5.80
CA HIS A 227 2.50 -27.19 5.71
C HIS A 227 3.83 -26.52 5.59
N LEU A 228 4.86 -27.11 6.19
CA LEU A 228 6.25 -26.65 6.02
C LEU A 228 7.08 -27.83 5.54
N VAL A 229 7.81 -27.66 4.44
CA VAL A 229 8.52 -28.77 3.80
C VAL A 229 10.01 -28.49 3.80
N GLU A 230 10.80 -29.42 4.35
CA GLU A 230 12.25 -29.27 4.46
C GLU A 230 12.95 -30.54 4.00
N ALA A 231 13.94 -30.39 3.13
CA ALA A 231 14.69 -31.51 2.57
C ALA A 231 15.63 -32.17 3.60
N LEU A 232 16.19 -31.37 4.51
CA LEU A 232 17.04 -31.87 5.59
C LEU A 232 16.20 -32.50 6.70
N PRO A 233 16.84 -33.21 7.65
CA PRO A 233 16.09 -33.83 8.74
C PRO A 233 15.79 -32.90 9.91
N ILE A 234 16.14 -31.64 9.76
CA ILE A 234 15.97 -30.69 10.84
C ILE A 234 15.62 -29.32 10.25
N VAL A 235 14.93 -28.51 11.05
CA VAL A 235 14.62 -27.14 10.68
C VAL A 235 15.60 -26.20 11.38
N LEU A 236 15.91 -25.06 10.75
CA LEU A 236 16.80 -24.05 11.32
C LEU A 236 18.13 -24.64 11.79
N ASN A 237 18.85 -25.27 10.85
CA ASN A 237 20.08 -26.01 11.18
C ASN A 237 21.23 -25.15 11.73
N MET A 238 21.19 -23.86 11.44
CA MET A 238 22.19 -22.91 11.93
C MET A 238 22.12 -22.71 13.45
N PHE A 239 21.05 -23.19 14.08
CA PHE A 239 20.92 -23.15 15.53
C PHE A 239 21.37 -24.48 16.13
N GLU A 240 21.58 -24.47 17.45
CA GLU A 240 21.87 -25.68 18.21
C GLU A 240 20.69 -26.66 18.08
N LYS A 241 20.99 -27.96 18.15
CA LYS A 241 19.98 -29.01 18.13
C LYS A 241 18.84 -28.72 19.12
N LYS A 242 19.20 -28.36 20.35
CA LYS A 242 18.23 -28.07 21.41
C LYS A 242 17.16 -27.08 20.95
N LEU A 243 17.58 -26.03 20.22
CA LEU A 243 16.66 -24.99 19.75
C LEU A 243 15.88 -25.38 18.48
N SER A 244 16.52 -26.13 17.58
CA SER A 244 15.84 -26.62 16.36
C SER A 244 14.67 -27.55 16.69
N SER A 245 14.78 -28.29 17.79
CA SER A 245 13.70 -29.16 18.25
C SER A 245 12.56 -28.33 18.82
N TYR A 246 12.88 -27.46 19.79
CA TYR A 246 11.90 -26.58 20.40
C TYR A 246 11.11 -25.79 19.34
N ALA A 247 11.81 -25.31 18.31
CA ALA A 247 11.19 -24.63 17.18
C ALA A 247 10.20 -25.56 16.50
N GLN A 248 10.65 -26.76 16.19
CA GLN A 248 9.83 -27.72 15.49
C GLN A 248 8.61 -28.12 16.32
N SER A 249 8.84 -28.35 17.62
CA SER A 249 7.76 -28.70 18.53
C SER A 249 6.72 -27.59 18.61
N HIS A 250 7.20 -26.36 18.78
CA HIS A 250 6.33 -25.20 18.92
C HIS A 250 5.53 -24.93 17.68
N LEU A 251 6.15 -25.10 16.51
CA LEU A 251 5.45 -24.98 15.24
C LEU A 251 4.31 -25.99 15.18
N GLU A 252 4.62 -27.25 15.53
CA GLU A 252 3.62 -28.31 15.55
C GLU A 252 2.49 -28.02 16.53
N ASN A 253 2.84 -27.41 17.67
CA ASN A 253 1.85 -26.99 18.66
C ASN A 253 0.94 -25.88 18.15
N THR A 254 1.43 -25.08 17.23
CA THR A 254 0.63 -24.05 16.59
C THR A 254 -0.13 -24.61 15.37
N SER A 255 -0.13 -25.94 15.23
CA SER A 255 -0.91 -26.67 14.22
C SER A 255 -0.30 -26.69 12.81
N ILE A 256 1.01 -26.44 12.71
CA ILE A 256 1.69 -26.50 11.43
C ILE A 256 2.21 -27.92 11.20
N LYS A 257 1.95 -28.46 10.01
CA LYS A 257 2.40 -29.81 9.68
C LYS A 257 3.80 -29.77 9.05
N VAL A 258 4.82 -30.09 9.84
CA VAL A 258 6.21 -30.03 9.40
C VAL A 258 6.64 -31.33 8.70
N HIS A 259 6.90 -31.25 7.39
CA HIS A 259 7.38 -32.39 6.61
C HIS A 259 8.88 -32.38 6.52
N LEU A 260 9.54 -33.02 7.50
CA LEU A 260 10.99 -33.11 7.49
C LEU A 260 11.47 -34.15 6.48
N ARG A 261 12.73 -34.04 6.07
CA ARG A 261 13.34 -34.98 5.13
C ARG A 261 12.52 -35.14 3.85
N THR A 262 11.86 -34.08 3.44
CA THR A 262 10.96 -34.12 2.28
C THR A 262 11.41 -33.14 1.21
N ALA A 263 11.63 -33.67 0.01
CA ALA A 263 12.10 -32.88 -1.11
C ALA A 263 11.00 -32.81 -2.16
N VAL A 264 10.69 -31.60 -2.64
CA VAL A 264 9.69 -31.43 -3.70
C VAL A 264 10.28 -31.81 -5.05
N ALA A 265 9.71 -32.83 -5.68
CA ALA A 265 10.17 -33.29 -6.99
C ALA A 265 9.52 -32.52 -8.14
N LYS A 266 8.30 -32.03 -7.95
CA LYS A 266 7.55 -31.35 -8.99
C LYS A 266 6.41 -30.52 -8.41
N VAL A 267 6.02 -29.46 -9.11
CA VAL A 267 4.91 -28.59 -8.69
C VAL A 267 3.86 -28.49 -9.80
N GLU A 268 2.64 -28.95 -9.50
CA GLU A 268 1.52 -28.82 -10.42
C GLU A 268 0.65 -27.67 -9.93
N GLU A 269 -0.40 -27.36 -10.66
CA GLU A 269 -1.26 -26.22 -10.34
CA GLU A 269 -1.26 -26.22 -10.34
C GLU A 269 -1.96 -26.37 -8.99
N LYS A 270 -2.44 -27.57 -8.69
CA LYS A 270 -3.22 -27.78 -7.46
C LYS A 270 -2.55 -28.67 -6.40
N GLN A 271 -1.33 -29.09 -6.65
CA GLN A 271 -0.62 -30.01 -5.75
C GLN A 271 0.85 -30.03 -6.10
N LEU A 272 1.65 -30.65 -5.23
CA LEU A 272 3.08 -30.84 -5.51
C LEU A 272 3.54 -32.22 -5.06
N LEU A 273 4.42 -32.82 -5.87
CA LEU A 273 4.90 -34.16 -5.62
C LEU A 273 6.10 -34.09 -4.69
N ALA A 274 5.96 -34.73 -3.52
CA ALA A 274 7.03 -34.77 -2.54
C ALA A 274 7.56 -36.20 -2.39
N LYS A 275 8.88 -36.30 -2.21
CA LYS A 275 9.54 -37.55 -1.82
C LYS A 275 10.08 -37.37 -0.40
N THR A 276 9.94 -38.40 0.43
CA THR A 276 10.41 -38.35 1.81
C THR A 276 11.35 -39.51 2.11
N LYS A 277 12.52 -39.21 2.66
CA LYS A 277 13.47 -40.25 3.10
C LYS A 277 13.23 -40.50 4.59
N HIS A 278 13.14 -41.77 4.97
CA HIS A 278 12.83 -42.13 6.34
C HIS A 278 14.06 -42.58 7.08
N GLU A 279 13.90 -42.77 8.40
CA GLU A 279 14.98 -43.24 9.28
C GLU A 279 15.62 -44.51 8.71
N ASP A 280 14.79 -45.40 8.19
CA ASP A 280 15.24 -46.69 7.62
C ASP A 280 15.69 -46.61 6.14
N GLY A 281 15.89 -45.40 5.63
CA GLY A 281 16.43 -45.20 4.28
C GLY A 281 15.48 -45.49 3.13
N LYS A 282 14.17 -45.53 3.43
CA LYS A 282 13.17 -45.82 2.42
C LYS A 282 12.60 -44.52 1.86
N ILE A 283 12.35 -44.48 0.55
CA ILE A 283 11.77 -43.32 -0.11
C ILE A 283 10.29 -43.54 -0.38
N THR A 284 9.43 -42.72 0.23
CA THR A 284 7.99 -42.77 -0.02
C THR A 284 7.53 -41.50 -0.73
N GLU A 285 6.51 -41.64 -1.57
CA GLU A 285 5.96 -40.53 -2.34
C GLU A 285 4.73 -39.96 -1.65
N GLU A 286 4.63 -38.64 -1.58
CA GLU A 286 3.44 -37.98 -1.07
C GLU A 286 2.92 -36.98 -2.09
N THR A 287 1.62 -36.73 -2.04
CA THR A 287 0.99 -35.65 -2.78
C THR A 287 0.41 -34.69 -1.75
N ILE A 288 0.88 -33.44 -1.78
CA ILE A 288 0.34 -32.39 -0.92
C ILE A 288 -0.43 -31.39 -1.76
N PRO A 289 -1.78 -31.42 -1.68
CA PRO A 289 -2.56 -30.36 -2.31
C PRO A 289 -2.28 -29.00 -1.68
N TYR A 290 -2.43 -27.94 -2.47
CA TYR A 290 -2.22 -26.58 -1.98
C TYR A 290 -3.06 -25.60 -2.77
N GLY A 291 -3.42 -24.51 -2.09
CA GLY A 291 -4.01 -23.34 -2.74
C GLY A 291 -2.97 -22.24 -2.93
N THR A 292 -2.15 -22.03 -1.90
CA THR A 292 -1.09 -21.04 -1.94
C THR A 292 0.26 -21.73 -1.74
N LEU A 293 1.27 -21.36 -2.54
CA LEU A 293 2.59 -21.96 -2.43
C LEU A 293 3.67 -20.90 -2.31
N ILE A 294 4.45 -20.98 -1.23
CA ILE A 294 5.51 -20.02 -0.97
C ILE A 294 6.85 -20.73 -1.04
N TRP A 295 7.68 -20.37 -2.02
CA TRP A 295 8.97 -21.02 -2.26
C TRP A 295 10.11 -20.27 -1.62
N ALA A 296 10.55 -20.72 -0.45
CA ALA A 296 11.58 -20.01 0.32
C ALA A 296 12.81 -20.86 0.53
N THR A 297 13.35 -21.40 -0.57
CA THR A 297 14.53 -22.25 -0.53
C THR A 297 15.79 -21.37 -0.64
N GLY A 298 16.87 -21.93 -1.17
CA GLY A 298 18.10 -21.20 -1.37
C GLY A 298 18.06 -20.21 -2.52
N ASN A 299 19.20 -19.56 -2.74
CA ASN A 299 19.35 -18.55 -3.79
C ASN A 299 20.40 -18.96 -4.82
N LYS A 300 20.72 -18.06 -5.74
CA LYS A 300 21.43 -18.40 -6.96
C LYS A 300 22.03 -17.13 -7.57
N ALA A 301 23.13 -17.29 -8.31
CA ALA A 301 23.80 -16.16 -8.94
C ALA A 301 22.93 -15.53 -10.02
N ARG A 302 22.93 -14.21 -10.09
CA ARG A 302 22.18 -13.49 -11.12
C ARG A 302 22.91 -13.59 -12.47
N PRO A 303 22.16 -13.48 -13.59
CA PRO A 303 22.76 -13.53 -14.94
C PRO A 303 23.86 -12.49 -15.21
N VAL A 304 23.81 -11.36 -14.52
CA VAL A 304 24.82 -10.30 -14.67
C VAL A 304 26.16 -10.77 -14.13
N ILE A 305 26.11 -11.58 -13.07
CA ILE A 305 27.31 -12.14 -12.45
C ILE A 305 27.79 -13.36 -13.24
N THR A 306 26.84 -14.19 -13.66
CA THR A 306 27.12 -15.30 -14.57
C THR A 306 27.76 -14.80 -15.86
N ASP A 307 27.20 -13.74 -16.42
CA ASP A 307 27.77 -13.07 -17.58
C ASP A 307 29.24 -12.73 -17.32
N LEU A 308 29.51 -12.13 -16.16
CA LEU A 308 30.87 -11.69 -15.82
C LEU A 308 31.87 -12.84 -15.63
N PHE A 309 31.42 -13.98 -15.14
CA PHE A 309 32.30 -15.15 -14.96
C PHE A 309 33.14 -15.45 -16.21
N LYS A 310 32.50 -15.32 -17.37
CA LYS A 310 33.13 -15.67 -18.66
C LYS A 310 34.13 -14.61 -19.11
N LYS A 311 33.97 -13.38 -18.63
CA LYS A 311 34.79 -12.24 -19.06
C LYS A 311 36.12 -12.13 -18.30
N ILE A 312 36.23 -12.82 -17.16
CA ILE A 312 37.45 -12.81 -16.37
C ILE A 312 38.02 -14.23 -16.33
N PRO A 313 39.32 -14.40 -16.68
CA PRO A 313 39.92 -15.72 -16.68
C PRO A 313 39.71 -16.52 -15.39
N GLU A 314 40.11 -15.94 -14.26
CA GLU A 314 40.11 -16.67 -12.98
C GLU A 314 38.74 -16.69 -12.28
N GLN A 315 37.70 -16.24 -12.98
CA GLN A 315 36.32 -16.44 -12.54
C GLN A 315 35.59 -17.48 -13.39
N ASN A 316 36.22 -17.93 -14.47
CA ASN A 316 35.59 -18.86 -15.43
C ASN A 316 34.86 -20.01 -14.74
N SER A 317 35.50 -20.59 -13.74
CA SER A 317 34.96 -21.75 -13.03
C SER A 317 34.19 -21.40 -11.75
N SER A 318 33.83 -20.13 -11.58
CA SER A 318 32.98 -19.72 -10.46
C SER A 318 31.54 -20.19 -10.71
N LYS A 319 30.76 -20.35 -9.64
CA LYS A 319 29.40 -20.88 -9.75
C LYS A 319 28.42 -20.17 -8.82
N ARG A 320 28.68 -20.23 -7.51
CA ARG A 320 27.83 -19.57 -6.51
C ARG A 320 27.88 -18.05 -6.62
N GLY A 321 29.09 -17.50 -6.66
CA GLY A 321 29.28 -16.06 -6.84
C GLY A 321 30.69 -15.72 -7.27
N LEU A 322 31.02 -14.43 -7.24
CA LEU A 322 32.36 -13.98 -7.64
C LEU A 322 33.41 -14.40 -6.60
N ALA A 323 34.43 -15.14 -7.05
CA ALA A 323 35.55 -15.49 -6.19
C ALA A 323 36.28 -14.21 -5.83
N VAL A 324 36.62 -14.05 -4.55
CA VAL A 324 37.04 -12.75 -4.03
C VAL A 324 38.21 -12.85 -3.04
N ASN A 325 39.05 -11.82 -3.02
CA ASN A 325 40.24 -11.79 -2.17
C ASN A 325 39.93 -11.75 -0.69
N ASP A 326 40.99 -11.78 0.12
CA ASP A 326 40.89 -11.50 1.55
C ASP A 326 40.62 -10.00 1.78
N PHE A 327 40.78 -9.20 0.74
CA PHE A 327 40.40 -7.77 0.75
C PHE A 327 39.09 -7.53 0.00
N LEU A 328 38.37 -8.61 -0.29
CA LEU A 328 37.07 -8.54 -0.97
C LEU A 328 37.14 -7.94 -2.37
N GLN A 329 38.28 -8.15 -3.03
CA GLN A 329 38.46 -7.76 -4.42
C GLN A 329 38.20 -8.97 -5.31
N VAL A 330 37.43 -8.79 -6.37
CA VAL A 330 37.15 -9.85 -7.32
C VAL A 330 38.46 -10.33 -7.95
N LYS A 331 38.77 -11.62 -7.76
CA LYS A 331 40.01 -12.20 -8.29
C LYS A 331 40.05 -12.05 -9.80
N GLY A 332 41.17 -11.56 -10.31
CA GLY A 332 41.31 -11.27 -11.74
C GLY A 332 40.99 -9.85 -12.14
N SER A 333 40.38 -9.07 -11.24
CA SER A 333 40.10 -7.67 -11.49
C SER A 333 41.00 -6.79 -10.66
N ASN A 334 41.34 -5.64 -11.22
CA ASN A 334 42.25 -4.70 -10.60
C ASN A 334 41.51 -3.59 -9.85
N ASN A 335 40.20 -3.50 -10.07
CA ASN A 335 39.39 -2.39 -9.55
C ASN A 335 37.92 -2.71 -9.23
N ILE A 336 37.59 -4.01 -9.15
CA ILE A 336 36.23 -4.43 -8.84
C ILE A 336 36.20 -5.15 -7.50
N PHE A 337 35.20 -4.84 -6.70
CA PHE A 337 35.01 -5.50 -5.41
C PHE A 337 33.60 -6.06 -5.39
N ALA A 338 33.40 -7.10 -4.57
CA ALA A 338 32.11 -7.75 -4.45
C ALA A 338 31.82 -8.05 -2.98
N ILE A 339 30.66 -7.61 -2.50
CA ILE A 339 30.22 -7.92 -1.14
C ILE A 339 28.82 -8.55 -1.15
N GLY A 340 28.48 -9.22 -0.06
CA GLY A 340 27.18 -9.85 0.10
C GLY A 340 26.98 -11.05 -0.80
N ASP A 341 25.71 -11.36 -1.09
CA ASP A 341 25.33 -12.63 -1.71
C ASP A 341 25.91 -12.90 -3.11
N ASN A 342 26.25 -11.86 -3.87
CA ASN A 342 26.84 -12.07 -5.20
C ASN A 342 28.34 -12.35 -5.13
N ALA A 343 28.94 -12.16 -3.96
CA ALA A 343 30.34 -12.52 -3.71
C ALA A 343 30.45 -13.94 -3.18
N PHE A 344 31.62 -14.55 -3.34
CA PHE A 344 31.90 -15.85 -2.74
C PHE A 344 33.14 -15.78 -1.86
N ALA A 345 32.94 -15.83 -0.55
CA ALA A 345 34.05 -15.85 0.40
C ALA A 345 33.91 -17.04 1.35
N GLY A 346 33.26 -18.11 0.86
CA GLY A 346 32.91 -19.26 1.68
C GLY A 346 32.25 -18.88 3.00
N LEU A 347 31.42 -17.83 2.97
CA LEU A 347 30.71 -17.36 4.16
C LEU A 347 29.21 -17.50 3.92
N PRO A 348 28.40 -17.50 5.00
CA PRO A 348 26.96 -17.69 4.79
C PRO A 348 26.32 -16.49 4.08
N PRO A 349 25.37 -16.75 3.18
CA PRO A 349 24.68 -15.64 2.51
C PRO A 349 23.68 -14.99 3.47
N THR A 350 24.17 -14.03 4.24
CA THR A 350 23.37 -13.38 5.29
C THR A 350 23.61 -11.89 5.32
N ALA A 351 22.61 -11.15 5.77
CA ALA A 351 22.72 -9.70 5.89
C ALA A 351 23.83 -9.35 6.87
N GLN A 352 23.99 -10.19 7.88
CA GLN A 352 25.05 -10.02 8.87
C GLN A 352 26.42 -9.99 8.18
N VAL A 353 26.65 -10.94 7.29
CA VAL A 353 27.90 -11.00 6.52
C VAL A 353 28.02 -9.82 5.56
N ALA A 354 26.93 -9.46 4.89
CA ALA A 354 26.94 -8.33 3.96
C ALA A 354 27.23 -7.02 4.68
N HIS A 355 26.65 -6.87 5.87
CA HIS A 355 26.84 -5.67 6.69
C HIS A 355 28.27 -5.49 7.09
N GLN A 356 28.91 -6.55 7.55
CA GLN A 356 30.31 -6.45 7.98
C GLN A 356 31.21 -6.22 6.77
N GLU A 357 31.08 -7.07 5.76
CA GLU A 357 31.82 -6.92 4.50
C GLU A 357 31.82 -5.47 4.01
N ALA A 358 30.64 -4.86 3.98
CA ALA A 358 30.50 -3.47 3.56
C ALA A 358 31.33 -2.50 4.42
N GLU A 359 31.18 -2.58 5.73
CA GLU A 359 31.93 -1.69 6.64
C GLU A 359 33.43 -1.81 6.46
N TYR A 360 33.92 -3.04 6.50
CA TYR A 360 35.33 -3.33 6.26
C TYR A 360 35.83 -2.65 4.98
N LEU A 361 35.08 -2.79 3.89
CA LEU A 361 35.49 -2.23 2.60
C LEU A 361 35.50 -0.70 2.61
N ALA A 362 34.47 -0.11 3.21
CA ALA A 362 34.38 1.35 3.31
C ALA A 362 35.59 1.92 4.06
N LYS A 363 35.93 1.30 5.18
CA LYS A 363 37.09 1.73 5.97
C LYS A 363 38.38 1.59 5.17
N ASN A 364 38.52 0.47 4.46
CA ASN A 364 39.64 0.29 3.53
C ASN A 364 39.68 1.41 2.48
N PHE A 365 38.52 1.89 2.06
CA PHE A 365 38.45 2.88 0.99
C PHE A 365 38.97 4.27 1.40
N ASP A 366 38.70 4.69 2.62
CA ASP A 366 39.27 5.97 3.11
C ASP A 366 40.72 5.80 3.56
N LYS A 367 41.15 4.54 3.72
CA LYS A 367 42.54 4.25 3.97
C LYS A 367 43.32 4.42 2.66
N MET A 368 42.75 3.92 1.57
CA MET A 368 43.31 4.10 0.24
C MET A 368 43.43 5.58 -0.16
N ALA A 369 42.52 6.41 0.36
CA ALA A 369 42.49 7.83 0.04
C ALA A 369 43.76 8.56 0.42
N GLN A 370 44.44 8.08 1.46
CA GLN A 370 45.65 8.73 1.97
C GLN A 370 46.95 8.12 1.45
N ILE A 371 46.87 7.41 0.32
CA ILE A 371 48.04 6.78 -0.29
C ILE A 371 48.17 7.23 -1.75
N PRO A 372 49.33 7.81 -2.12
CA PRO A 372 49.60 8.32 -3.47
C PRO A 372 49.29 7.35 -4.62
N ASN A 373 49.67 6.09 -4.45
CA ASN A 373 49.61 5.10 -5.53
C ASN A 373 48.21 4.86 -6.08
N PHE A 374 47.21 4.96 -5.21
CA PHE A 374 45.81 4.77 -5.62
C PHE A 374 45.23 6.00 -6.31
N GLN A 375 45.88 7.16 -6.10
CA GLN A 375 45.43 8.40 -6.73
C GLN A 375 45.85 8.43 -8.20
N LYS A 384 48.59 -5.04 -9.37
CA LYS A 384 48.77 -3.60 -9.40
C LYS A 384 48.03 -2.94 -8.22
N ILE A 385 46.84 -3.44 -7.90
CA ILE A 385 46.11 -3.06 -6.68
C ILE A 385 46.11 -4.23 -5.68
N ASP A 386 45.92 -5.45 -6.20
CA ASP A 386 46.18 -6.70 -5.47
C ASP A 386 47.39 -6.61 -4.53
N LEU A 387 48.53 -6.16 -5.08
CA LEU A 387 49.79 -6.12 -4.34
C LEU A 387 49.85 -4.98 -3.32
N LEU A 388 49.35 -3.81 -3.71
CA LEU A 388 49.34 -2.63 -2.84
C LEU A 388 48.63 -2.88 -1.51
N PHE A 389 47.56 -3.67 -1.53
CA PHE A 389 46.82 -3.97 -0.31
C PHE A 389 47.72 -4.60 0.75
N GLU A 390 48.40 -5.68 0.37
CA GLU A 390 49.30 -6.39 1.30
C GLU A 390 50.53 -5.54 1.59
N GLU A 391 51.02 -4.82 0.58
CA GLU A 391 52.21 -3.98 0.72
C GLU A 391 52.02 -2.85 1.73
N ASN A 392 50.88 -2.16 1.65
CA ASN A 392 50.59 -1.04 2.53
C ASN A 392 50.03 -1.43 3.90
N ASN A 393 49.96 -2.74 4.17
CA ASN A 393 49.72 -3.26 5.51
C ASN A 393 48.40 -2.86 6.14
N PHE A 394 47.31 -3.41 5.62
CA PHE A 394 46.07 -3.43 6.40
C PHE A 394 45.34 -4.76 6.30
N LYS A 395 44.58 -5.06 7.35
CA LYS A 395 44.13 -6.41 7.63
C LYS A 395 43.25 -6.97 6.52
N PRO A 396 43.23 -8.31 6.38
CA PRO A 396 42.21 -8.94 5.56
C PRO A 396 40.87 -8.93 6.29
N PHE A 397 39.78 -9.22 5.58
CA PHE A 397 38.46 -9.28 6.21
C PHE A 397 38.31 -10.57 7.01
N LYS A 398 38.03 -10.41 8.29
CA LYS A 398 37.69 -11.52 9.16
C LYS A 398 36.23 -11.35 9.57
N TYR A 399 35.41 -12.35 9.30
CA TYR A 399 34.00 -12.31 9.66
C TYR A 399 33.85 -12.64 11.14
N ASN A 400 33.00 -11.89 11.82
CA ASN A 400 32.66 -12.15 13.20
C ASN A 400 31.19 -12.59 13.27
N ASP A 401 30.98 -13.85 13.60
CA ASP A 401 29.64 -14.43 13.69
C ASP A 401 28.95 -13.97 14.98
N LEU A 402 27.92 -13.15 14.83
CA LEU A 402 27.22 -12.58 16.00
C LEU A 402 26.09 -13.48 16.52
N GLY A 403 25.65 -14.43 15.71
CA GLY A 403 24.65 -15.42 16.14
C GLY A 403 23.49 -15.54 15.16
N ALA A 404 22.30 -15.87 15.69
CA ALA A 404 21.11 -16.00 14.87
C ALA A 404 19.81 -15.77 15.66
N LEU A 405 18.79 -15.27 14.96
CA LEU A 405 17.48 -15.00 15.54
C LEU A 405 16.39 -15.48 14.59
N ALA A 406 15.33 -16.08 15.15
CA ALA A 406 14.20 -16.53 14.33
C ALA A 406 12.88 -16.51 15.11
N TYR A 407 11.87 -15.84 14.55
CA TYR A 407 10.51 -15.85 15.10
C TYR A 407 9.75 -17.10 14.65
N LEU A 408 9.06 -17.74 15.61
CA LEU A 408 8.41 -19.03 15.39
C LEU A 408 6.88 -18.98 15.35
N GLY A 409 6.30 -17.80 15.56
CA GLY A 409 4.85 -17.65 15.63
C GLY A 409 4.37 -17.59 17.06
N SER A 410 3.07 -17.33 17.25
CA SER A 410 2.45 -17.31 18.55
C SER A 410 3.30 -16.62 19.62
N GLU A 411 3.93 -15.52 19.25
CA GLU A 411 4.73 -14.72 20.18
C GLU A 411 5.81 -15.54 20.88
N ARG A 412 6.54 -16.31 20.08
CA ARG A 412 7.71 -17.06 20.53
C ARG A 412 8.83 -16.98 19.49
N ALA A 413 10.07 -16.89 19.97
CA ALA A 413 11.25 -16.87 19.10
C ALA A 413 12.44 -17.56 19.76
N ILE A 414 13.44 -17.90 18.95
CA ILE A 414 14.69 -18.46 19.44
C ILE A 414 15.83 -17.51 19.10
N ALA A 415 16.86 -17.49 19.95
CA ALA A 415 17.98 -16.56 19.79
C ALA A 415 19.29 -17.16 20.25
N THR A 416 20.38 -16.74 19.61
CA THR A 416 21.74 -17.00 20.06
C THR A 416 22.59 -15.78 19.75
N ILE A 417 23.32 -15.30 20.75
CA ILE A 417 24.05 -14.05 20.66
C ILE A 417 25.48 -14.27 21.13
N ARG A 418 26.42 -14.17 20.19
CA ARG A 418 27.82 -14.45 20.47
C ARG A 418 28.73 -13.43 19.81
N SER A 419 30.00 -13.44 20.22
CA SER A 419 31.03 -12.69 19.52
C SER A 419 32.36 -13.42 19.70
N GLY A 420 32.80 -14.07 18.62
CA GLY A 420 33.99 -14.91 18.66
C GLY A 420 33.66 -16.23 19.32
N LYS A 421 34.33 -16.51 20.42
CA LYS A 421 34.18 -17.80 21.10
C LYS A 421 33.05 -17.77 22.12
N ARG A 422 32.90 -16.65 22.84
CA ARG A 422 31.91 -16.55 23.92
C ARG A 422 30.48 -16.49 23.35
N THR A 423 29.57 -17.22 24.02
CA THR A 423 28.15 -17.21 23.69
C THR A 423 27.38 -16.74 24.93
N PHE A 424 26.55 -15.70 24.74
CA PHE A 424 25.83 -15.06 25.85
C PHE A 424 24.45 -14.58 25.41
N TYR A 425 23.40 -15.32 25.77
CA TYR A 425 22.06 -15.05 25.26
C TYR A 425 20.96 -15.71 26.09
N THR A 426 19.71 -15.38 25.74
CA THR A 426 18.54 -16.16 26.18
C THR A 426 17.78 -16.59 24.93
N GLY A 427 17.63 -17.90 24.73
CA GLY A 427 17.05 -18.45 23.50
C GLY A 427 15.78 -19.28 23.67
N GLY A 428 15.05 -19.02 24.76
CA GLY A 428 13.83 -19.76 25.08
C GLY A 428 12.64 -19.37 24.23
N GLY A 429 11.63 -18.74 24.84
CA GLY A 429 10.36 -18.47 24.17
C GLY A 429 9.89 -17.03 24.24
N LEU A 430 8.97 -16.74 25.16
CA LEU A 430 8.32 -15.43 25.24
C LEU A 430 9.33 -14.32 25.53
N MET A 431 10.26 -14.60 26.43
CA MET A 431 11.36 -13.70 26.73
C MET A 431 12.10 -13.37 25.43
N THR A 432 12.53 -14.43 24.74
CA THR A 432 13.30 -14.30 23.50
C THR A 432 12.53 -13.57 22.40
N PHE A 433 11.21 -13.73 22.38
CA PHE A 433 10.36 -13.01 21.43
C PHE A 433 10.47 -11.50 21.60
N TYR A 434 10.53 -11.04 22.84
CA TYR A 434 10.74 -9.62 23.10
C TYR A 434 12.14 -9.21 22.67
N LEU A 435 13.15 -9.98 23.10
CA LEU A 435 14.53 -9.73 22.68
C LEU A 435 14.56 -9.59 21.17
N TRP A 436 14.03 -10.60 20.48
CA TRP A 436 13.90 -10.60 19.03
C TRP A 436 13.35 -9.29 18.54
N ARG A 437 12.24 -8.85 19.11
CA ARG A 437 11.65 -7.55 18.78
C ARG A 437 12.66 -6.41 18.96
N ILE A 438 13.14 -6.23 20.18
CA ILE A 438 14.09 -5.16 20.47
C ILE A 438 15.25 -5.21 19.47
N LEU A 439 15.91 -6.36 19.41
CA LEU A 439 17.15 -6.52 18.64
C LEU A 439 16.94 -6.13 17.18
N TYR A 440 15.79 -6.51 16.62
CA TYR A 440 15.45 -6.15 15.23
C TYR A 440 15.26 -4.64 15.07
N LEU A 441 14.36 -4.05 15.84
CA LEU A 441 14.25 -2.58 15.93
C LEU A 441 15.62 -1.91 15.87
N SER A 442 16.49 -2.26 16.81
CA SER A 442 17.83 -1.66 16.92
C SER A 442 18.68 -1.76 15.65
N MET A 443 18.67 -2.91 15.00
CA MET A 443 19.52 -3.10 13.81
C MET A 443 18.81 -2.74 12.50
N ILE A 444 17.79 -1.88 12.59
CA ILE A 444 17.19 -1.25 11.43
C ILE A 444 18.06 -0.06 11.04
N LEU A 445 18.11 0.26 9.75
CA LEU A 445 19.06 1.25 9.23
C LEU A 445 18.60 2.72 9.31
N SER A 446 17.38 2.98 9.79
CA SER A 446 16.84 4.35 9.79
C SER A 446 15.75 4.57 10.83
N ALA A 447 15.78 5.73 11.46
CA ALA A 447 14.79 6.13 12.47
C ALA A 447 13.35 6.01 11.97
N ARG A 448 13.14 6.33 10.70
CA ARG A 448 11.81 6.28 10.09
C ARG A 448 11.30 4.85 10.05
N SER A 449 12.09 3.97 9.46
CA SER A 449 11.73 2.56 9.38
C SER A 449 11.53 2.01 10.78
N ARG A 450 12.38 2.47 11.69
CA ARG A 450 12.29 2.09 13.10
C ARG A 450 11.01 2.55 13.76
N LEU A 451 10.64 3.81 13.58
CA LEU A 451 9.42 4.33 14.21
C LEU A 451 8.16 3.69 13.63
N LYS A 452 8.16 3.49 12.31
CA LYS A 452 7.03 2.88 11.62
C LYS A 452 6.72 1.49 12.17
N VAL A 453 7.74 0.64 12.34
CA VAL A 453 7.52 -0.70 12.87
C VAL A 453 7.13 -0.65 14.36
N PHE A 454 7.69 0.29 15.11
CA PHE A 454 7.30 0.43 16.50
C PHE A 454 5.81 0.70 16.63
N PHE A 455 5.28 1.55 15.75
CA PHE A 455 3.85 1.83 15.71
C PHE A 455 3.04 0.65 15.18
N ASP A 456 3.58 -0.05 14.18
CA ASP A 456 2.91 -1.22 13.62
C ASP A 456 2.67 -2.31 14.67
N TRP A 457 3.60 -2.44 15.63
CA TRP A 457 3.47 -3.45 16.68
C TRP A 457 2.54 -3.02 17.77
N ILE A 458 2.40 -1.72 17.98
CA ILE A 458 1.45 -1.23 18.97
C ILE A 458 0.03 -1.40 18.45
N LYS A 459 -0.20 -1.00 17.20
CA LYS A 459 -1.51 -1.18 16.58
C LYS A 459 -1.89 -2.66 16.52
N LEU A 460 -0.89 -3.52 16.33
CA LEU A 460 -1.10 -4.97 16.40
C LEU A 460 -1.64 -5.39 17.76
N ALA A 461 -1.03 -4.85 18.82
CA ALA A 461 -1.43 -5.15 20.19
C ALA A 461 -2.90 -4.85 20.47
N PHE A 462 -3.46 -3.85 19.80
CA PHE A 462 -4.85 -3.43 20.01
C PHE A 462 -5.83 -3.87 18.91
N PHE A 463 -5.38 -3.95 17.66
CA PHE A 463 -6.29 -4.15 16.51
C PHE A 463 -5.93 -5.27 15.53
N LYS A 464 -4.74 -5.84 15.68
CA LYS A 464 -4.31 -7.04 14.93
C LYS A 464 -4.56 -7.07 13.42
N ARG A 465 -3.69 -6.36 12.69
CA ARG A 465 -3.42 -6.61 11.24
C ARG A 465 -4.44 -6.14 10.21
N ASP A 466 -3.90 -5.51 9.17
CA ASP A 466 -4.63 -5.16 7.95
C ASP A 466 -4.37 -6.18 6.84
N PHE A 467 -5.44 -6.75 6.31
CA PHE A 467 -5.34 -7.74 5.22
C PHE A 467 -6.18 -7.30 4.04
N PHE A 468 -5.68 -6.32 3.28
CA PHE A 468 -6.40 -5.76 2.14
C PHE A 468 -5.83 -6.30 0.83
N LYS A 469 -6.65 -7.02 0.06
CA LYS A 469 -6.17 -7.64 -1.18
C LYS A 469 -5.77 -6.65 -2.29
N GLY A 470 -6.21 -5.40 -2.18
CA GLY A 470 -5.91 -4.39 -3.19
C GLY A 470 -4.96 -3.32 -2.71
N LEU A 471 -4.29 -3.56 -1.59
CA LEU A 471 -3.46 -2.53 -0.96
C LEU A 471 -2.24 -3.12 -0.22
N MET B 1 -32.86 -15.50 -13.11
CA MET B 1 -32.83 -16.71 -12.26
C MET B 1 -32.03 -16.44 -10.98
N LYS B 2 -32.05 -17.41 -10.06
CA LYS B 2 -31.31 -17.36 -8.78
C LYS B 2 -31.77 -16.25 -7.82
N VAL B 3 -32.55 -16.65 -6.82
CA VAL B 3 -33.12 -15.72 -5.84
C VAL B 3 -32.76 -16.13 -4.40
N ILE B 4 -32.01 -15.29 -3.69
CA ILE B 4 -31.68 -15.53 -2.28
C ILE B 4 -32.76 -14.90 -1.40
N ASP B 5 -33.31 -15.70 -0.49
CA ASP B 5 -34.47 -15.29 0.31
C ASP B 5 -34.51 -16.04 1.65
N PRO B 6 -33.71 -15.58 2.64
CA PRO B 6 -33.77 -16.16 3.97
C PRO B 6 -34.88 -15.54 4.81
N GLN B 7 -35.80 -16.37 5.32
CA GLN B 7 -36.88 -15.88 6.18
C GLN B 7 -37.48 -16.99 7.07
N HIS B 8 -36.61 -17.71 7.76
CA HIS B 8 -37.06 -18.57 8.88
C HIS B 8 -37.29 -17.72 10.09
N SER B 9 -36.57 -16.60 10.18
CA SER B 9 -36.69 -15.66 11.28
C SER B 9 -37.98 -14.84 11.19
N ASP B 10 -38.48 -14.41 12.35
CA ASP B 10 -39.68 -13.57 12.44
C ASP B 10 -39.29 -12.08 12.48
N LYS B 11 -38.18 -11.74 11.85
CA LYS B 11 -37.68 -10.37 11.78
C LYS B 11 -37.69 -9.93 10.32
N PRO B 12 -37.98 -8.64 10.06
CA PRO B 12 -37.93 -8.17 8.68
C PRO B 12 -36.52 -8.14 8.11
N ASN B 13 -36.39 -8.54 6.84
CA ASN B 13 -35.11 -8.49 6.13
C ASN B 13 -34.80 -7.09 5.63
N VAL B 14 -33.97 -6.37 6.37
CA VAL B 14 -33.48 -5.07 5.96
C VAL B 14 -32.22 -5.24 5.12
N LEU B 15 -32.21 -4.62 3.94
CA LEU B 15 -31.12 -4.75 2.98
C LEU B 15 -30.51 -3.38 2.72
N ILE B 16 -29.20 -3.26 2.89
CA ILE B 16 -28.50 -1.99 2.69
C ILE B 16 -27.65 -2.04 1.42
N LEU B 17 -27.77 -1.00 0.59
CA LEU B 17 -26.91 -0.83 -0.57
C LEU B 17 -25.85 0.21 -0.24
N GLY B 18 -24.59 -0.20 -0.19
CA GLY B 18 -23.45 0.69 0.01
C GLY B 18 -22.65 0.38 1.25
N SER B 19 -21.41 0.88 1.29
CA SER B 19 -20.55 0.75 2.46
C SER B 19 -19.90 2.10 2.83
N GLY B 20 -20.66 3.17 2.60
CA GLY B 20 -20.15 4.53 2.79
C GLY B 20 -20.57 5.18 4.10
N TRP B 21 -20.94 6.45 4.04
CA TRP B 21 -21.35 7.19 5.22
C TRP B 21 -22.74 6.81 5.63
N GLY B 22 -23.68 6.92 4.70
CA GLY B 22 -25.06 6.51 4.98
C GLY B 22 -25.11 5.06 5.43
N ALA B 23 -24.75 4.16 4.51
CA ALA B 23 -24.83 2.72 4.75
C ALA B 23 -24.21 2.30 6.10
N ILE B 24 -23.03 2.84 6.43
CA ILE B 24 -22.34 2.42 7.65
C ILE B 24 -22.90 3.10 8.88
N SER B 25 -23.11 4.41 8.82
CA SER B 25 -23.75 5.15 9.92
C SER B 25 -25.09 4.50 10.29
N PHE B 26 -25.84 4.10 9.27
CA PHE B 26 -27.08 3.36 9.47
C PHE B 26 -26.81 2.03 10.19
N LEU B 27 -25.83 1.30 9.70
CA LEU B 27 -25.47 0.01 10.29
C LEU B 27 -25.08 0.16 11.77
N LYS B 28 -24.33 1.21 12.08
CA LYS B 28 -23.87 1.46 13.44
C LYS B 28 -25.01 1.60 14.45
N HIS B 29 -26.17 2.07 14.01
CA HIS B 29 -27.30 2.32 14.90
C HIS B 29 -28.50 1.43 14.72
N ILE B 30 -28.58 0.70 13.62
CA ILE B 30 -29.72 -0.20 13.37
C ILE B 30 -29.77 -1.30 14.43
N ASP B 31 -30.99 -1.68 14.83
CA ASP B 31 -31.16 -2.72 15.85
C ASP B 31 -31.22 -4.10 15.20
N THR B 32 -30.12 -4.84 15.31
CA THR B 32 -29.98 -6.16 14.70
C THR B 32 -30.72 -7.27 15.48
N LYS B 33 -31.24 -6.92 16.65
CA LYS B 33 -32.11 -7.82 17.40
C LYS B 33 -33.50 -7.87 16.78
N LYS B 34 -33.97 -6.71 16.31
CA LYS B 34 -35.29 -6.59 15.70
C LYS B 34 -35.28 -6.91 14.20
N TYR B 35 -34.13 -6.72 13.54
CA TYR B 35 -34.02 -6.87 12.09
C TYR B 35 -32.85 -7.75 11.68
N ASN B 36 -33.01 -8.42 10.55
CA ASN B 36 -31.93 -9.15 9.89
C ASN B 36 -31.35 -8.27 8.79
N VAL B 37 -30.09 -7.88 8.97
CA VAL B 37 -29.43 -6.95 8.06
C VAL B 37 -28.55 -7.67 7.04
N SER B 38 -28.66 -7.25 5.78
CA SER B 38 -27.77 -7.68 4.71
C SER B 38 -27.25 -6.45 4.01
N ILE B 39 -25.95 -6.46 3.67
CA ILE B 39 -25.32 -5.36 2.95
C ILE B 39 -24.83 -5.86 1.60
N ILE B 40 -25.02 -5.03 0.57
CA ILE B 40 -24.41 -5.24 -0.74
C ILE B 40 -23.51 -4.05 -1.03
N SER B 41 -22.24 -4.32 -1.34
CA SER B 41 -21.33 -3.27 -1.82
C SER B 41 -20.10 -3.90 -2.43
N PRO B 42 -19.62 -3.36 -3.57
CA PRO B 42 -18.36 -3.84 -4.15
C PRO B 42 -17.15 -3.47 -3.31
N ARG B 43 -17.29 -2.44 -2.48
CA ARG B 43 -16.21 -2.03 -1.60
C ARG B 43 -16.40 -2.70 -0.25
N SER B 44 -15.39 -3.43 0.20
CA SER B 44 -15.46 -4.20 1.44
C SER B 44 -15.02 -3.39 2.66
N TYR B 45 -14.86 -2.08 2.50
CA TYR B 45 -14.40 -1.21 3.56
C TYR B 45 -15.10 0.14 3.50
N PHE B 46 -15.19 0.77 4.65
CA PHE B 46 -15.67 2.12 4.79
C PHE B 46 -14.53 3.06 4.44
N LEU B 47 -14.84 4.18 3.80
CA LEU B 47 -13.84 5.16 3.40
C LEU B 47 -14.12 6.50 4.05
N PHE B 48 -13.18 6.99 4.86
CA PHE B 48 -13.32 8.28 5.50
C PHE B 48 -12.94 9.35 4.48
N THR B 49 -13.91 9.73 3.66
CA THR B 49 -13.68 10.59 2.51
C THR B 49 -13.00 11.95 2.79
N PRO B 50 -13.20 12.52 4.01
CA PRO B 50 -12.59 13.83 4.27
C PRO B 50 -11.06 13.90 4.22
N LEU B 51 -10.38 12.78 4.47
CA LEU B 51 -8.92 12.74 4.39
C LEU B 51 -8.41 12.08 3.11
N LEU B 52 -9.31 11.78 2.18
CA LEU B 52 -8.90 11.19 0.90
C LEU B 52 -7.90 12.06 0.12
N PRO B 53 -7.98 13.40 0.27
CA PRO B 53 -6.98 14.25 -0.38
C PRO B 53 -5.57 14.20 0.22
N SER B 54 -5.40 13.47 1.32
CA SER B 54 -4.08 13.31 1.95
C SER B 54 -3.38 12.02 1.53
N ALA B 55 -4.15 11.09 0.97
CA ALA B 55 -3.64 9.76 0.62
C ALA B 55 -2.53 9.81 -0.42
N PRO B 56 -2.78 10.47 -1.58
CA PRO B 56 -1.86 10.36 -2.73
C PRO B 56 -0.46 10.86 -2.42
N VAL B 57 -0.40 12.02 -1.80
CA VAL B 57 0.85 12.66 -1.40
C VAL B 57 1.45 11.98 -0.16
N GLY B 58 0.65 11.22 0.56
CA GLY B 58 1.16 10.40 1.65
C GLY B 58 1.30 11.10 2.99
N THR B 59 0.47 12.12 3.25
CA THR B 59 0.38 12.71 4.59
C THR B 59 -0.22 11.67 5.53
N VAL B 60 -1.19 10.95 4.99
CA VAL B 60 -1.84 9.83 5.67
C VAL B 60 -1.74 8.67 4.69
N ASP B 61 -1.77 7.43 5.19
CA ASP B 61 -1.75 6.25 4.31
C ASP B 61 -3.16 5.84 3.94
N GLU B 62 -3.30 5.35 2.69
CA GLU B 62 -4.56 4.79 2.20
C GLU B 62 -5.22 3.83 3.21
N LYS B 63 -4.43 3.00 3.87
CA LYS B 63 -4.96 2.09 4.89
C LYS B 63 -5.43 2.78 6.17
N SER B 64 -4.86 3.95 6.49
CA SER B 64 -5.19 4.66 7.74
C SER B 64 -6.60 5.24 7.75
N ILE B 65 -7.16 5.48 6.56
CA ILE B 65 -8.47 6.14 6.43
C ILE B 65 -9.58 5.20 5.95
N ILE B 66 -9.33 3.89 6.00
CA ILE B 66 -10.35 2.90 5.65
C ILE B 66 -10.52 1.87 6.75
N GLU B 67 -11.71 1.26 6.79
CA GLU B 67 -12.08 0.27 7.82
C GLU B 67 -12.98 -0.81 7.20
N PRO B 68 -12.62 -2.08 7.38
CA PRO B 68 -13.45 -3.17 6.85
C PRO B 68 -14.89 -3.14 7.34
N ILE B 69 -15.82 -3.45 6.46
CA ILE B 69 -17.24 -3.54 6.83
C ILE B 69 -17.44 -4.53 7.97
N VAL B 70 -16.77 -5.69 7.89
CA VAL B 70 -16.98 -6.76 8.86
C VAL B 70 -16.60 -6.35 10.28
N ASN B 71 -15.68 -5.41 10.41
CA ASN B 71 -15.33 -4.88 11.74
C ASN B 71 -16.49 -4.18 12.41
N PHE B 72 -17.33 -3.52 11.61
CA PHE B 72 -18.52 -2.85 12.15
C PHE B 72 -19.58 -3.88 12.50
N ALA B 73 -19.90 -4.72 11.53
CA ALA B 73 -20.89 -5.80 11.70
C ALA B 73 -20.58 -6.71 12.89
N LEU B 74 -19.32 -6.77 13.28
CA LEU B 74 -18.91 -7.63 14.40
C LEU B 74 -19.40 -7.07 15.75
N LYS B 75 -19.57 -5.75 15.83
CA LYS B 75 -20.09 -5.11 17.04
C LYS B 75 -21.61 -5.26 17.15
N LYS B 76 -22.28 -5.40 16.01
CA LYS B 76 -23.70 -5.71 15.96
C LYS B 76 -23.90 -7.16 16.38
N LYS B 77 -24.73 -7.38 17.40
CA LYS B 77 -24.91 -8.73 17.95
C LYS B 77 -25.67 -9.66 17.00
N GLY B 78 -26.70 -9.15 16.33
CA GLY B 78 -27.52 -9.96 15.46
C GLY B 78 -26.87 -10.33 14.13
N ASN B 79 -27.68 -10.90 13.25
CA ASN B 79 -27.23 -11.42 11.97
C ASN B 79 -26.89 -10.30 11.00
N VAL B 80 -25.66 -10.31 10.51
CA VAL B 80 -25.26 -9.44 9.41
C VAL B 80 -24.66 -10.29 8.30
N THR B 81 -25.12 -10.04 7.07
CA THR B 81 -24.55 -10.70 5.89
C THR B 81 -24.01 -9.63 4.97
N TYR B 82 -22.79 -9.83 4.48
CA TYR B 82 -22.20 -8.91 3.53
C TYR B 82 -21.93 -9.60 2.21
N TYR B 83 -22.61 -9.15 1.16
CA TYR B 83 -22.31 -9.55 -0.19
C TYR B 83 -21.33 -8.54 -0.77
N GLU B 84 -20.14 -9.00 -1.15
CA GLU B 84 -19.20 -8.15 -1.87
C GLU B 84 -19.56 -8.18 -3.34
N ALA B 85 -20.46 -7.29 -3.74
CA ALA B 85 -20.88 -7.19 -5.14
C ALA B 85 -21.54 -5.84 -5.40
N GLU B 86 -21.81 -5.53 -6.66
CA GLU B 86 -22.48 -4.27 -7.00
C GLU B 86 -23.92 -4.52 -7.45
N ALA B 87 -24.84 -3.71 -6.93
CA ALA B 87 -26.25 -3.78 -7.31
C ALA B 87 -26.43 -3.19 -8.70
N THR B 88 -26.97 -3.98 -9.63
CA THR B 88 -27.15 -3.54 -11.01
C THR B 88 -28.57 -3.11 -11.36
N SER B 89 -29.55 -3.67 -10.66
CA SER B 89 -30.94 -3.30 -10.85
C SER B 89 -31.72 -3.39 -9.54
N ILE B 90 -32.55 -2.38 -9.28
CA ILE B 90 -33.51 -2.44 -8.17
C ILE B 90 -34.89 -2.75 -8.75
N ASN B 91 -35.54 -3.76 -8.16
CA ASN B 91 -36.80 -4.28 -8.68
C ASN B 91 -37.89 -4.13 -7.61
N PRO B 92 -38.67 -3.04 -7.68
CA PRO B 92 -39.63 -2.76 -6.59
C PRO B 92 -40.80 -3.74 -6.54
N ASP B 93 -41.31 -4.07 -7.72
CA ASP B 93 -42.41 -5.04 -7.85
C ASP B 93 -42.08 -6.41 -7.23
N ARG B 94 -40.84 -6.87 -7.39
CA ARG B 94 -40.41 -8.16 -6.84
C ARG B 94 -39.76 -8.03 -5.46
N ASN B 95 -39.44 -6.81 -5.07
CA ASN B 95 -38.68 -6.52 -3.85
C ASN B 95 -37.36 -7.31 -3.78
N THR B 96 -36.63 -7.28 -4.89
CA THR B 96 -35.28 -7.83 -4.95
C THR B 96 -34.32 -6.82 -5.54
N VAL B 97 -33.04 -7.08 -5.39
CA VAL B 97 -32.00 -6.26 -6.00
C VAL B 97 -31.05 -7.20 -6.73
N THR B 98 -30.96 -7.04 -8.05
CA THR B 98 -30.07 -7.88 -8.86
C THR B 98 -28.64 -7.44 -8.59
N ILE B 99 -27.75 -8.40 -8.33
CA ILE B 99 -26.33 -8.09 -8.12
C ILE B 99 -25.46 -8.75 -9.17
N LYS B 100 -24.24 -8.23 -9.29
CA LYS B 100 -23.30 -8.62 -10.32
C LYS B 100 -21.89 -8.47 -9.74
N SER B 101 -20.94 -9.24 -10.27
CA SER B 101 -19.54 -9.21 -9.83
C SER B 101 -19.42 -9.59 -8.36
N LEU B 102 -20.01 -10.74 -8.01
CA LEU B 102 -19.96 -11.23 -6.64
C LEU B 102 -18.57 -11.76 -6.33
N SER B 103 -17.90 -11.13 -5.37
CA SER B 103 -16.55 -11.52 -4.98
C SER B 103 -16.55 -12.45 -3.77
N ALA B 104 -17.43 -12.20 -2.80
CA ALA B 104 -17.48 -12.96 -1.57
C ALA B 104 -18.77 -12.70 -0.79
N VAL B 105 -19.15 -13.66 0.06
CA VAL B 105 -20.28 -13.48 0.96
C VAL B 105 -19.84 -13.85 2.36
N SER B 106 -19.93 -12.89 3.28
CA SER B 106 -19.59 -13.13 4.69
C SER B 106 -20.84 -13.12 5.54
N GLN B 107 -21.06 -14.21 6.28
CA GLN B 107 -22.21 -14.32 7.17
C GLN B 107 -21.71 -14.33 8.61
N LEU B 108 -21.93 -13.22 9.32
CA LEU B 108 -21.37 -13.02 10.65
C LEU B 108 -22.45 -13.23 11.69
N TYR B 109 -22.09 -13.89 12.80
CA TYR B 109 -23.06 -14.32 13.83
C TYR B 109 -24.16 -15.22 13.25
N GLN B 110 -23.79 -16.03 12.27
CA GLN B 110 -24.72 -16.94 11.61
C GLN B 110 -24.08 -18.31 11.42
N PRO B 111 -24.09 -19.15 12.47
CA PRO B 111 -23.68 -20.53 12.27
C PRO B 111 -24.80 -21.33 11.61
N GLU B 112 -25.06 -21.04 10.33
CA GLU B 112 -26.22 -21.63 9.63
C GLU B 112 -25.96 -21.90 8.14
N ASN B 113 -26.73 -21.28 7.25
CA ASN B 113 -26.94 -21.80 5.89
C ASN B 113 -25.79 -21.59 4.91
N HIS B 114 -25.92 -22.25 3.75
CA HIS B 114 -25.01 -22.12 2.62
C HIS B 114 -25.82 -21.70 1.42
N LEU B 115 -25.53 -20.51 0.89
CA LEU B 115 -26.37 -19.91 -0.16
C LEU B 115 -26.22 -20.55 -1.54
N GLY B 116 -25.14 -21.29 -1.77
CA GLY B 116 -24.92 -21.95 -3.05
C GLY B 116 -24.58 -21.01 -4.20
N LEU B 117 -23.91 -19.90 -3.87
CA LEU B 117 -23.50 -18.92 -4.87
C LEU B 117 -22.08 -19.21 -5.37
N HIS B 118 -21.79 -18.77 -6.59
CA HIS B 118 -20.44 -18.84 -7.15
C HIS B 118 -19.99 -17.45 -7.52
N GLN B 119 -18.68 -17.29 -7.70
CA GLN B 119 -18.12 -15.97 -7.99
C GLN B 119 -18.55 -15.44 -9.35
N ALA B 120 -18.84 -14.14 -9.41
CA ALA B 120 -19.30 -13.48 -10.64
C ALA B 120 -20.53 -14.15 -11.25
N GLU B 121 -21.44 -14.60 -10.38
CA GLU B 121 -22.71 -15.20 -10.80
C GLU B 121 -23.81 -14.19 -10.49
N PRO B 122 -24.78 -14.01 -11.40
CA PRO B 122 -25.84 -13.05 -11.10
C PRO B 122 -26.88 -13.63 -10.15
N ALA B 123 -27.47 -12.77 -9.32
CA ALA B 123 -28.43 -13.21 -8.30
C ALA B 123 -29.31 -12.07 -7.80
N GLU B 124 -30.58 -12.39 -7.53
CA GLU B 124 -31.52 -11.42 -6.95
C GLU B 124 -31.59 -11.62 -5.45
N ILE B 125 -31.38 -10.54 -4.68
CA ILE B 125 -31.43 -10.60 -3.22
C ILE B 125 -32.75 -9.98 -2.76
N LYS B 126 -33.63 -10.80 -2.18
CA LYS B 126 -34.91 -10.33 -1.66
C LYS B 126 -34.75 -9.44 -0.44
N TYR B 127 -35.70 -8.53 -0.24
CA TYR B 127 -35.69 -7.65 0.91
C TYR B 127 -37.11 -7.32 1.35
N ASP B 128 -37.28 -7.10 2.65
CA ASP B 128 -38.52 -6.56 3.19
C ASP B 128 -38.44 -5.04 3.22
N TYR B 129 -37.28 -4.52 3.63
CA TYR B 129 -36.99 -3.09 3.53
C TYR B 129 -35.65 -2.87 2.83
N LEU B 130 -35.56 -1.81 2.04
CA LEU B 130 -34.34 -1.46 1.32
C LEU B 130 -33.87 -0.07 1.72
N ILE B 131 -32.59 0.04 2.06
CA ILE B 131 -31.95 1.34 2.24
C ILE B 131 -30.92 1.52 1.14
N SER B 132 -31.07 2.58 0.35
CA SER B 132 -30.17 2.85 -0.75
C SER B 132 -29.21 3.99 -0.39
N ALA B 133 -27.96 3.64 -0.16
CA ALA B 133 -26.90 4.61 0.14
C ALA B 133 -25.68 4.36 -0.75
N VAL B 134 -25.92 4.23 -2.05
CA VAL B 134 -24.84 3.93 -3.02
C VAL B 134 -24.01 5.15 -3.41
N GLY B 135 -24.35 6.33 -2.89
CA GLY B 135 -23.61 7.54 -3.21
C GLY B 135 -23.75 7.95 -4.66
N ALA B 136 -23.09 9.05 -5.01
CA ALA B 136 -23.08 9.56 -6.37
C ALA B 136 -21.78 9.17 -7.07
N GLU B 137 -21.70 9.43 -8.38
CA GLU B 137 -20.46 9.22 -9.11
C GLU B 137 -19.99 10.52 -9.79
N PRO B 138 -18.69 10.62 -10.11
CA PRO B 138 -18.14 11.90 -10.55
C PRO B 138 -18.72 12.38 -11.87
N ASN B 139 -19.00 13.68 -11.95
CA ASN B 139 -19.61 14.27 -13.14
C ASN B 139 -18.60 15.03 -14.01
N THR B 140 -18.44 14.57 -15.24
CA THR B 140 -17.54 15.22 -16.18
C THR B 140 -18.26 16.30 -17.00
N PHE B 141 -19.58 16.43 -16.82
CA PHE B 141 -20.38 17.41 -17.54
C PHE B 141 -20.30 17.23 -19.06
N GLY B 142 -19.99 16.01 -19.49
CA GLY B 142 -19.78 15.73 -20.90
C GLY B 142 -18.63 16.50 -21.53
N ILE B 143 -17.70 16.99 -20.72
CA ILE B 143 -16.56 17.76 -21.20
C ILE B 143 -15.57 16.74 -21.73
N PRO B 144 -15.32 16.75 -23.05
CA PRO B 144 -14.57 15.66 -23.68
C PRO B 144 -13.15 15.51 -23.12
N GLY B 145 -12.71 14.27 -22.98
CA GLY B 145 -11.35 13.97 -22.52
C GLY B 145 -11.16 13.76 -21.03
N VAL B 146 -12.06 14.28 -20.20
CA VAL B 146 -11.87 14.24 -18.74
C VAL B 146 -11.44 12.85 -18.23
N THR B 147 -12.22 11.83 -18.55
CA THR B 147 -11.89 10.45 -18.15
C THR B 147 -10.65 9.92 -18.88
N ASP B 148 -10.55 10.18 -20.19
CA ASP B 148 -9.39 9.74 -20.96
C ASP B 148 -8.04 10.17 -20.38
N TYR B 149 -7.92 11.43 -19.98
CA TYR B 149 -6.64 11.97 -19.51
C TYR B 149 -6.60 12.47 -18.05
N GLY B 150 -7.72 12.36 -17.33
CA GLY B 150 -7.80 12.93 -15.97
C GLY B 150 -8.08 11.92 -14.87
N HIS B 151 -7.88 12.33 -13.62
CA HIS B 151 -8.08 11.45 -12.47
C HIS B 151 -9.06 12.03 -11.50
N PHE B 152 -10.06 11.24 -11.12
CA PHE B 152 -10.99 11.66 -10.08
C PHE B 152 -10.33 11.50 -8.69
N LEU B 153 -10.85 12.20 -7.69
CA LEU B 153 -10.41 11.97 -6.32
C LEU B 153 -11.66 11.58 -5.53
N LYS B 154 -11.94 10.29 -5.54
CA LYS B 154 -13.26 9.76 -5.19
C LYS B 154 -13.13 8.51 -4.33
N GLU B 155 -12.33 7.55 -4.80
CA GLU B 155 -12.08 6.29 -4.09
C GLU B 155 -10.57 6.06 -3.88
N ILE B 156 -10.21 4.99 -3.21
CA ILE B 156 -8.81 4.75 -2.86
C ILE B 156 -7.94 4.48 -4.09
N PRO B 157 -8.40 3.66 -5.05
CA PRO B 157 -7.63 3.42 -6.29
C PRO B 157 -7.27 4.70 -7.04
N ASN B 158 -8.12 5.71 -6.95
CA ASN B 158 -7.81 7.04 -7.47
C ASN B 158 -6.56 7.63 -6.83
N SER B 159 -6.39 7.44 -5.53
CA SER B 159 -5.23 8.00 -4.84
C SER B 159 -3.92 7.40 -5.35
N LEU B 160 -3.88 6.08 -5.53
CA LEU B 160 -2.73 5.41 -6.13
C LEU B 160 -2.51 5.89 -7.58
N GLU B 161 -3.61 5.98 -8.34
CA GLU B 161 -3.56 6.41 -9.75
C GLU B 161 -2.89 7.78 -9.92
N ILE B 162 -3.13 8.67 -8.97
CA ILE B 162 -2.58 10.02 -9.01
C ILE B 162 -1.11 10.01 -8.66
N ARG B 163 -0.75 9.28 -7.61
CA ARG B 163 0.64 9.19 -7.17
C ARG B 163 1.51 8.60 -8.28
N ARG B 164 1.04 7.52 -8.89
CA ARG B 164 1.73 6.90 -10.02
C ARG B 164 1.98 7.87 -11.16
N THR B 165 0.98 8.71 -11.45
CA THR B 165 1.11 9.69 -12.53
C THR B 165 2.13 10.75 -12.18
N PHE B 166 1.97 11.37 -11.03
CA PHE B 166 2.86 12.42 -10.57
C PHE B 166 4.28 11.89 -10.45
N ALA B 167 4.41 10.76 -9.77
CA ALA B 167 5.69 10.06 -9.68
C ALA B 167 6.35 9.90 -11.05
N ALA B 168 5.59 9.38 -12.02
CA ALA B 168 6.11 9.13 -13.38
C ALA B 168 6.59 10.41 -14.05
N ASN B 169 5.84 11.48 -13.88
CA ASN B 169 6.21 12.77 -14.46
C ASN B 169 7.48 13.35 -13.80
N LEU B 170 7.57 13.25 -12.47
CA LEU B 170 8.79 13.66 -11.77
C LEU B 170 10.03 12.94 -12.32
N GLU B 171 9.91 11.63 -12.52
CA GLU B 171 10.99 10.82 -13.08
C GLU B 171 11.36 11.26 -14.50
N LYS B 172 10.35 11.43 -15.35
CA LYS B 172 10.57 11.81 -16.76
C LYS B 172 11.13 13.22 -16.91
N ALA B 173 10.54 14.15 -16.17
CA ALA B 173 10.92 15.56 -16.27
C ALA B 173 12.35 15.80 -15.80
N ASN B 174 12.74 15.15 -14.70
CA ASN B 174 14.08 15.34 -14.13
C ASN B 174 15.21 14.95 -15.08
N LEU B 175 14.91 14.05 -16.03
CA LEU B 175 15.88 13.66 -17.05
C LEU B 175 16.07 14.76 -18.10
N LEU B 176 15.03 15.56 -18.35
CA LEU B 176 15.13 16.67 -19.30
C LEU B 176 15.86 17.85 -18.68
N PRO B 177 16.46 18.71 -19.52
CA PRO B 177 17.20 19.87 -19.01
C PRO B 177 16.26 21.00 -18.58
N LYS B 178 16.73 21.85 -17.66
CA LYS B 178 15.90 22.90 -17.05
C LYS B 178 15.10 23.72 -18.06
N GLY B 179 15.76 24.13 -19.14
CA GLY B 179 15.11 24.91 -20.19
C GLY B 179 13.85 24.27 -20.76
N ASP B 180 13.98 23.02 -21.19
CA ASP B 180 12.92 22.31 -21.93
C ASP B 180 11.52 22.69 -21.44
N PRO B 181 10.63 23.14 -22.35
CA PRO B 181 9.24 23.39 -21.94
C PRO B 181 8.48 22.11 -21.56
N GLU B 182 8.88 20.97 -22.11
CA GLU B 182 8.30 19.68 -21.73
C GLU B 182 8.53 19.38 -20.26
N ARG B 183 9.70 19.74 -19.77
CA ARG B 183 10.03 19.59 -18.35
C ARG B 183 9.10 20.42 -17.48
N ARG B 184 8.85 21.66 -17.90
CA ARG B 184 7.94 22.55 -17.18
C ARG B 184 6.50 22.00 -17.22
N ARG B 185 6.10 21.44 -18.34
CA ARG B 185 4.76 20.87 -18.49
C ARG B 185 4.57 19.63 -17.62
N LEU B 186 5.51 18.69 -17.72
CA LEU B 186 5.41 17.46 -16.94
C LEU B 186 5.33 17.74 -15.45
N LEU B 187 5.96 18.83 -15.00
CA LEU B 187 5.88 19.26 -13.61
C LEU B 187 4.65 20.13 -13.31
N SER B 188 3.74 20.24 -14.28
CA SER B 188 2.50 21.01 -14.12
C SER B 188 1.35 20.15 -13.60
N ILE B 189 0.63 20.66 -12.60
CA ILE B 189 -0.57 20.02 -12.08
C ILE B 189 -1.77 20.95 -12.21
N VAL B 190 -2.93 20.37 -12.52
CA VAL B 190 -4.17 21.15 -12.71
C VAL B 190 -5.28 20.47 -11.92
N VAL B 191 -5.74 21.12 -10.85
CA VAL B 191 -6.82 20.59 -10.03
C VAL B 191 -8.12 21.35 -10.33
N VAL B 192 -8.99 20.73 -11.13
CA VAL B 192 -10.28 21.35 -11.50
C VAL B 192 -11.27 21.25 -10.35
N GLY B 193 -11.81 22.39 -9.93
CA GLY B 193 -12.77 22.43 -8.83
C GLY B 193 -12.23 23.16 -7.61
N GLY B 194 -12.87 24.27 -7.25
CA GLY B 194 -12.50 25.04 -6.07
C GLY B 194 -13.29 24.62 -4.83
N GLY B 195 -13.98 23.49 -4.90
CA GLY B 195 -14.62 22.91 -3.74
C GLY B 195 -13.56 22.33 -2.83
N PRO B 196 -13.87 22.18 -1.53
CA PRO B 196 -12.91 21.73 -0.50
C PRO B 196 -12.06 20.53 -0.91
N THR B 197 -12.62 19.60 -1.67
CA THR B 197 -11.86 18.48 -2.22
C THR B 197 -10.66 18.99 -3.03
N GLY B 198 -10.94 19.85 -4.01
CA GLY B 198 -9.89 20.44 -4.84
C GLY B 198 -8.94 21.31 -4.03
N VAL B 199 -9.50 22.18 -3.21
CA VAL B 199 -8.66 23.06 -2.39
C VAL B 199 -7.68 22.21 -1.57
N GLU B 200 -8.22 21.23 -0.86
CA GLU B 200 -7.40 20.33 -0.02
C GLU B 200 -6.41 19.50 -0.85
N ALA B 201 -6.83 19.05 -2.03
CA ALA B 201 -5.95 18.28 -2.91
C ALA B 201 -4.79 19.14 -3.42
N ALA B 202 -5.12 20.31 -3.93
CA ALA B 202 -4.10 21.24 -4.40
C ALA B 202 -3.14 21.61 -3.26
N GLY B 203 -3.68 21.85 -2.07
CA GLY B 203 -2.88 22.18 -0.89
C GLY B 203 -1.95 21.07 -0.43
N GLU B 204 -2.46 19.84 -0.39
CA GLU B 204 -1.67 18.70 0.05
C GLU B 204 -0.52 18.46 -0.90
N LEU B 205 -0.85 18.33 -2.19
CA LEU B 205 0.16 18.22 -3.26
C LEU B 205 1.26 19.27 -3.09
N GLN B 206 0.86 20.50 -2.76
CA GLN B 206 1.83 21.56 -2.57
C GLN B 206 2.72 21.28 -1.39
N ASP B 207 2.14 20.94 -0.23
CA ASP B 207 2.93 20.66 0.99
C ASP B 207 4.06 19.68 0.71
N TYR B 208 3.73 18.64 -0.05
CA TYR B 208 4.72 17.64 -0.45
C TYR B 208 5.82 18.29 -1.27
N VAL B 209 5.43 18.99 -2.33
CA VAL B 209 6.39 19.60 -3.24
C VAL B 209 7.32 20.56 -2.49
N HIS B 210 6.75 21.36 -1.59
CA HIS B 210 7.54 22.27 -0.75
C HIS B 210 8.34 21.55 0.29
N GLN B 211 7.71 20.64 1.02
CA GLN B 211 8.35 20.07 2.22
C GLN B 211 9.24 18.84 1.96
N ASP B 212 8.96 18.07 0.91
CA ASP B 212 9.64 16.78 0.69
C ASP B 212 10.49 16.75 -0.57
N LEU B 213 9.86 16.96 -1.72
CA LEU B 213 10.57 16.95 -3.00
C LEU B 213 11.73 17.93 -2.96
N ARG B 214 11.49 19.10 -2.36
CA ARG B 214 12.50 20.15 -2.28
C ARG B 214 13.73 19.70 -1.50
N LYS B 215 13.54 18.81 -0.53
CA LYS B 215 14.65 18.34 0.31
C LYS B 215 15.71 17.55 -0.46
N PHE B 216 15.34 16.96 -1.61
CA PHE B 216 16.32 16.21 -2.40
C PHE B 216 16.32 16.48 -3.91
N LEU B 217 15.33 17.20 -4.41
CA LEU B 217 15.35 17.65 -5.81
C LEU B 217 14.78 19.06 -5.89
N PRO B 218 15.55 20.07 -5.43
CA PRO B 218 15.10 21.45 -5.39
C PRO B 218 14.98 22.09 -6.77
N ALA B 219 15.80 21.63 -7.71
CA ALA B 219 15.72 22.08 -9.10
C ALA B 219 14.39 21.70 -9.73
N LEU B 220 13.87 20.52 -9.40
CA LEU B 220 12.52 20.10 -9.85
C LEU B 220 11.45 20.87 -9.10
N ALA B 221 11.53 20.84 -7.78
CA ALA B 221 10.51 21.42 -6.90
C ALA B 221 10.16 22.85 -7.30
N GLU B 222 11.17 23.65 -7.61
CA GLU B 222 10.97 25.04 -8.02
C GLU B 222 10.14 25.15 -9.29
N GLU B 223 10.38 24.25 -10.24
CA GLU B 223 9.69 24.30 -11.53
C GLU B 223 8.25 23.73 -11.50
N VAL B 224 7.87 23.11 -10.40
CA VAL B 224 6.50 22.57 -10.30
C VAL B 224 5.52 23.71 -10.04
N GLN B 225 4.45 23.73 -10.83
CA GLN B 225 3.42 24.74 -10.74
C GLN B 225 2.07 24.05 -10.61
N ILE B 226 1.34 24.39 -9.53
CA ILE B 226 0.02 23.84 -9.25
C ILE B 226 -1.05 24.89 -9.58
N HIS B 227 -1.99 24.51 -10.44
CA HIS B 227 -3.11 25.36 -10.82
C HIS B 227 -4.36 24.87 -10.17
N LEU B 228 -5.26 25.79 -9.82
CA LEU B 228 -6.59 25.45 -9.32
C LEU B 228 -7.59 26.21 -10.17
N VAL B 229 -8.57 25.50 -10.72
CA VAL B 229 -9.51 26.08 -11.68
C VAL B 229 -10.93 26.01 -11.11
N GLU B 230 -11.61 27.14 -11.05
CA GLU B 230 -12.96 27.22 -10.49
C GLU B 230 -13.86 28.04 -11.40
N ALA B 231 -15.04 27.49 -11.71
CA ALA B 231 -15.99 28.15 -12.61
C ALA B 231 -16.67 29.37 -11.97
N LEU B 232 -16.88 29.31 -10.66
CA LEU B 232 -17.46 30.43 -9.90
C LEU B 232 -16.40 31.51 -9.61
N PRO B 233 -16.83 32.70 -9.17
CA PRO B 233 -15.87 33.77 -8.88
C PRO B 233 -15.22 33.67 -7.50
N ILE B 234 -15.49 32.59 -6.79
CA ILE B 234 -14.96 32.44 -5.45
C ILE B 234 -14.69 30.97 -5.19
N VAL B 235 -13.74 30.72 -4.29
CA VAL B 235 -13.44 29.36 -3.85
C VAL B 235 -14.13 29.12 -2.51
N LEU B 236 -14.49 27.85 -2.25
CA LEU B 236 -15.11 27.45 -1.00
C LEU B 236 -16.32 28.31 -0.64
N ASN B 237 -17.31 28.34 -1.54
CA ASN B 237 -18.46 29.25 -1.39
C ASN B 237 -19.36 29.00 -0.18
N MET B 238 -19.29 27.79 0.35
CA MET B 238 -20.04 27.40 1.54
C MET B 238 -19.57 28.10 2.80
N PHE B 239 -18.42 28.76 2.73
CA PHE B 239 -17.90 29.57 3.83
C PHE B 239 -18.29 31.03 3.65
N GLU B 240 -18.13 31.80 4.72
CA GLU B 240 -18.30 33.25 4.66
C GLU B 240 -17.29 33.85 3.68
N LYS B 241 -17.66 34.97 3.04
CA LYS B 241 -16.76 35.71 2.16
C LYS B 241 -15.38 35.94 2.79
N LYS B 242 -15.38 36.40 4.04
CA LYS B 242 -14.14 36.70 4.77
C LYS B 242 -13.15 35.53 4.72
N LEU B 243 -13.66 34.30 4.89
CA LEU B 243 -12.83 33.09 4.90
C LEU B 243 -12.44 32.61 3.51
N SER B 244 -13.35 32.74 2.54
CA SER B 244 -13.06 32.36 1.15
C SER B 244 -11.92 33.18 0.55
N SER B 245 -11.80 34.43 0.99
CA SER B 245 -10.69 35.30 0.55
C SER B 245 -9.39 34.87 1.19
N TYR B 246 -9.39 34.77 2.52
CA TYR B 246 -8.20 34.31 3.25
C TYR B 246 -7.67 32.99 2.71
N ALA B 247 -8.59 32.07 2.37
CA ALA B 247 -8.23 30.81 1.73
C ALA B 247 -7.52 31.05 0.41
N GLN B 248 -8.13 31.89 -0.42
CA GLN B 248 -7.60 32.18 -1.73
C GLN B 248 -6.24 32.88 -1.65
N SER B 249 -6.13 33.82 -0.73
CA SER B 249 -4.88 34.53 -0.50
C SER B 249 -3.77 33.57 -0.08
N HIS B 250 -4.08 32.74 0.91
CA HIS B 250 -3.13 31.80 1.47
C HIS B 250 -2.68 30.78 0.45
N LEU B 251 -3.60 30.31 -0.38
CA LEU B 251 -3.24 29.39 -1.46
C LEU B 251 -2.25 30.06 -2.39
N GLU B 252 -2.54 31.31 -2.78
CA GLU B 252 -1.66 32.09 -3.64
C GLU B 252 -0.30 32.33 -3.00
N ASN B 253 -0.28 32.54 -1.68
CA ASN B 253 0.97 32.68 -0.92
C ASN B 253 1.79 31.40 -0.91
N THR B 254 1.13 30.25 -1.02
CA THR B 254 1.83 28.97 -1.12
C THR B 254 2.19 28.64 -2.57
N SER B 255 2.04 29.62 -3.47
CA SER B 255 2.47 29.56 -4.87
C SER B 255 1.52 28.80 -5.80
N ILE B 256 0.26 28.66 -5.40
CA ILE B 256 -0.76 28.03 -6.24
C ILE B 256 -1.42 29.09 -7.11
N LYS B 257 -1.52 28.82 -8.41
CA LYS B 257 -2.16 29.75 -9.34
C LYS B 257 -3.67 29.49 -9.43
N VAL B 258 -4.46 30.32 -8.75
CA VAL B 258 -5.91 30.14 -8.70
C VAL B 258 -6.62 30.82 -9.88
N HIS B 259 -7.19 30.02 -10.78
CA HIS B 259 -7.94 30.53 -11.92
C HIS B 259 -9.40 30.64 -11.60
N LEU B 260 -9.83 31.78 -11.07
CA LEU B 260 -11.25 31.99 -10.75
C LEU B 260 -12.05 32.29 -12.02
N ARG B 261 -13.35 32.07 -11.93
CA ARG B 261 -14.27 32.33 -13.04
C ARG B 261 -13.84 31.64 -14.33
N THR B 262 -13.23 30.46 -14.19
CA THR B 262 -12.66 29.74 -15.32
C THR B 262 -13.29 28.37 -15.46
N ALA B 263 -13.87 28.11 -16.62
CA ALA B 263 -14.55 26.86 -16.92
C ALA B 263 -13.77 26.10 -17.98
N VAL B 264 -13.49 24.83 -17.74
CA VAL B 264 -12.80 23.99 -18.70
C VAL B 264 -13.74 23.56 -19.81
N ALA B 265 -13.44 23.97 -21.03
CA ALA B 265 -14.27 23.63 -22.20
C ALA B 265 -13.89 22.28 -22.81
N LYS B 266 -12.63 21.88 -22.66
CA LYS B 266 -12.13 20.64 -23.27
C LYS B 266 -10.81 20.21 -22.64
N VAL B 267 -10.55 18.91 -22.65
CA VAL B 267 -9.31 18.35 -22.12
C VAL B 267 -8.58 17.53 -23.21
N GLU B 268 -7.36 17.95 -23.53
CA GLU B 268 -6.50 17.21 -24.44
C GLU B 268 -5.45 16.49 -23.61
N GLU B 269 -4.61 15.69 -24.27
CA GLU B 269 -3.62 14.87 -23.58
CA GLU B 269 -3.62 14.87 -23.57
C GLU B 269 -2.61 15.72 -22.81
N LYS B 270 -2.16 16.81 -23.42
CA LYS B 270 -1.11 17.64 -22.81
C LYS B 270 -1.53 19.04 -22.33
N GLN B 271 -2.82 19.34 -22.44
CA GLN B 271 -3.32 20.67 -22.11
C GLN B 271 -4.83 20.64 -22.01
N LEU B 272 -5.42 21.71 -21.49
CA LEU B 272 -6.88 21.83 -21.46
C LEU B 272 -7.31 23.24 -21.79
N LEU B 273 -8.40 23.34 -22.54
CA LEU B 273 -8.90 24.61 -23.01
C LEU B 273 -9.81 25.21 -21.93
N ALA B 274 -9.42 26.39 -21.43
CA ALA B 274 -10.20 27.10 -20.43
C ALA B 274 -10.76 28.41 -20.99
N LYS B 275 -12.01 28.71 -20.59
CA LYS B 275 -12.64 30.00 -20.85
C LYS B 275 -12.78 30.74 -19.52
N THR B 276 -12.51 32.04 -19.52
CA THR B 276 -12.60 32.84 -18.29
C THR B 276 -13.49 34.05 -18.51
N LYS B 277 -14.46 34.24 -17.61
CA LYS B 277 -15.32 35.42 -17.63
C LYS B 277 -14.74 36.46 -16.70
N HIS B 278 -14.65 37.70 -17.18
CA HIS B 278 -14.01 38.77 -16.42
C HIS B 278 -15.02 39.70 -15.82
N GLU B 279 -14.55 40.58 -14.94
CA GLU B 279 -15.39 41.58 -14.27
C GLU B 279 -16.25 42.35 -15.27
N ASP B 280 -15.66 42.68 -16.41
CA ASP B 280 -16.33 43.43 -17.48
C ASP B 280 -17.15 42.56 -18.46
N GLY B 281 -17.38 41.29 -18.09
CA GLY B 281 -18.24 40.39 -18.88
C GLY B 281 -17.65 39.89 -20.19
N LYS B 282 -16.32 39.95 -20.32
CA LYS B 282 -15.63 39.50 -21.52
C LYS B 282 -15.15 38.06 -21.32
N ILE B 283 -15.26 37.25 -22.38
CA ILE B 283 -14.78 35.87 -22.35
C ILE B 283 -13.43 35.78 -23.06
N THR B 284 -12.39 35.38 -22.34
CA THR B 284 -11.08 35.13 -22.93
C THR B 284 -10.72 33.64 -22.84
N GLU B 285 -9.98 33.16 -23.84
CA GLU B 285 -9.56 31.76 -23.92
C GLU B 285 -8.16 31.60 -23.36
N GLU B 286 -7.94 30.54 -22.57
CA GLU B 286 -6.61 30.21 -22.09
C GLU B 286 -6.30 28.76 -22.41
N THR B 287 -5.01 28.46 -22.59
CA THR B 287 -4.52 27.10 -22.68
C THR B 287 -3.63 26.86 -21.49
N ILE B 288 -3.99 25.89 -20.66
CA ILE B 288 -3.17 25.50 -19.53
C ILE B 288 -2.58 24.12 -19.80
N PRO B 289 -1.26 24.06 -20.08
CA PRO B 289 -0.58 22.76 -20.15
C PRO B 289 -0.56 22.06 -18.81
N TYR B 290 -0.56 20.73 -18.83
CA TYR B 290 -0.54 19.95 -17.61
C TYR B 290 0.14 18.61 -17.84
N GLY B 291 0.76 18.10 -16.79
CA GLY B 291 1.24 16.72 -16.76
C GLY B 291 0.26 15.82 -16.02
N THR B 292 -0.24 16.31 -14.89
CA THR B 292 -1.19 15.58 -14.05
C THR B 292 -2.48 16.39 -13.95
N LEU B 293 -3.63 15.75 -14.11
CA LEU B 293 -4.92 16.42 -14.02
C LEU B 293 -5.84 15.73 -13.04
N ILE B 294 -6.31 16.47 -12.05
CA ILE B 294 -7.19 15.97 -11.01
C ILE B 294 -8.56 16.63 -11.16
N TRP B 295 -9.58 15.84 -11.46
CA TRP B 295 -10.94 16.35 -11.70
C TRP B 295 -11.81 16.20 -10.47
N ALA B 296 -11.98 17.29 -9.71
CA ALA B 296 -12.70 17.25 -8.43
C ALA B 296 -13.88 18.19 -8.45
N THR B 297 -14.74 18.05 -9.46
CA THR B 297 -15.92 18.89 -9.61
C THR B 297 -17.09 18.25 -8.85
N GLY B 298 -18.31 18.48 -9.33
CA GLY B 298 -19.50 17.87 -8.74
C GLY B 298 -19.67 16.40 -9.06
N ASN B 299 -20.78 15.85 -8.58
CA ASN B 299 -21.12 14.44 -8.76
C ASN B 299 -22.44 14.28 -9.52
N LYS B 300 -22.92 13.05 -9.61
CA LYS B 300 -23.95 12.67 -10.57
C LYS B 300 -24.57 11.33 -10.16
N ALA B 301 -25.84 11.15 -10.52
CA ALA B 301 -26.58 9.93 -10.17
C ALA B 301 -25.97 8.72 -10.86
N ARG B 302 -25.89 7.61 -10.13
CA ARG B 302 -25.39 6.35 -10.70
C ARG B 302 -26.44 5.71 -11.60
N PRO B 303 -26.01 4.87 -12.57
CA PRO B 303 -26.94 4.21 -13.50
C PRO B 303 -28.00 3.32 -12.83
N VAL B 304 -27.69 2.81 -11.63
CA VAL B 304 -28.61 1.97 -10.86
C VAL B 304 -29.81 2.79 -10.38
N ILE B 305 -29.55 4.05 -10.05
CA ILE B 305 -30.59 4.97 -9.60
C ILE B 305 -31.33 5.52 -10.81
N THR B 306 -30.60 5.87 -11.85
CA THR B 306 -31.18 6.27 -13.13
C THR B 306 -32.11 5.19 -13.66
N ASP B 307 -31.65 3.95 -13.61
CA ASP B 307 -32.44 2.79 -13.98
C ASP B 307 -33.76 2.79 -13.20
N LEU B 308 -33.68 3.02 -11.89
CA LEU B 308 -34.87 3.00 -11.02
C LEU B 308 -35.85 4.13 -11.29
N PHE B 309 -35.36 5.30 -11.71
CA PHE B 309 -36.26 6.42 -12.02
C PHE B 309 -37.41 6.01 -12.93
N LYS B 310 -37.10 5.17 -13.92
CA LYS B 310 -38.06 4.77 -14.95
C LYS B 310 -39.07 3.74 -14.42
N LYS B 311 -38.70 3.01 -13.37
CA LYS B 311 -39.52 1.94 -12.83
C LYS B 311 -40.58 2.42 -11.82
N ILE B 312 -40.44 3.65 -11.33
CA ILE B 312 -41.40 4.22 -10.40
C ILE B 312 -42.05 5.45 -11.05
N PRO B 313 -43.40 5.50 -11.08
CA PRO B 313 -44.10 6.62 -11.71
C PRO B 313 -43.61 7.99 -11.23
N GLU B 314 -43.66 8.23 -9.93
CA GLU B 314 -43.37 9.55 -9.36
C GLU B 314 -41.88 9.86 -9.20
N GLN B 315 -41.03 8.98 -9.74
CA GLN B 315 -39.60 9.26 -9.88
C GLN B 315 -39.20 9.51 -11.33
N ASN B 316 -40.13 9.33 -12.27
CA ASN B 316 -39.85 9.46 -13.69
C ASN B 316 -39.07 10.73 -14.04
N SER B 317 -39.45 11.84 -13.42
CA SER B 317 -38.83 13.14 -13.70
C SER B 317 -37.72 13.52 -12.70
N SER B 318 -37.23 12.56 -11.94
CA SER B 318 -36.08 12.81 -11.06
C SER B 318 -34.80 12.88 -11.88
N LYS B 319 -33.79 13.58 -11.36
CA LYS B 319 -32.54 13.81 -12.10
C LYS B 319 -31.30 13.68 -11.20
N ARG B 320 -31.21 14.53 -10.18
CA ARG B 320 -30.08 14.50 -9.25
C ARG B 320 -30.04 13.20 -8.43
N GLY B 321 -31.18 12.85 -7.83
CA GLY B 321 -31.29 11.61 -7.08
C GLY B 321 -32.74 11.21 -6.87
N LEU B 322 -32.95 10.22 -6.00
CA LEU B 322 -34.30 9.75 -5.69
C LEU B 322 -35.06 10.79 -4.87
N ALA B 323 -36.21 11.24 -5.38
CA ALA B 323 -37.09 12.12 -4.63
C ALA B 323 -37.60 11.37 -3.41
N VAL B 324 -37.59 12.03 -2.26
CA VAL B 324 -37.76 11.33 -0.99
C VAL B 324 -38.65 12.10 -0.01
N ASN B 325 -39.37 11.36 0.84
CA ASN B 325 -40.29 11.94 1.84
C ASN B 325 -39.58 12.74 2.92
N ASP B 326 -40.39 13.33 3.79
CA ASP B 326 -39.89 13.92 5.03
C ASP B 326 -39.44 12.83 6.02
N PHE B 327 -39.83 11.59 5.73
CA PHE B 327 -39.35 10.42 6.47
C PHE B 327 -38.27 9.65 5.70
N LEU B 328 -37.73 10.28 4.66
CA LEU B 328 -36.65 9.71 3.84
C LEU B 328 -37.06 8.41 3.14
N GLN B 329 -38.34 8.28 2.80
CA GLN B 329 -38.84 7.18 2.00
C GLN B 329 -38.90 7.62 0.55
N VAL B 330 -38.44 6.77 -0.36
CA VAL B 330 -38.51 7.06 -1.79
C VAL B 330 -39.97 7.21 -2.21
N LYS B 331 -40.32 8.39 -2.73
CA LYS B 331 -41.69 8.67 -3.17
C LYS B 331 -42.12 7.68 -4.24
N GLY B 332 -43.29 7.08 -4.05
CA GLY B 332 -43.79 6.04 -4.93
C GLY B 332 -43.48 4.62 -4.48
N SER B 333 -42.59 4.47 -3.51
CA SER B 333 -42.29 3.16 -2.95
C SER B 333 -42.85 3.03 -1.56
N ASN B 334 -43.24 1.80 -1.24
CA ASN B 334 -43.89 1.49 0.02
C ASN B 334 -42.90 0.94 1.05
N ASN B 335 -41.68 0.62 0.59
CA ASN B 335 -40.69 -0.04 1.44
C ASN B 335 -39.23 0.28 1.13
N ILE B 336 -38.98 1.32 0.34
CA ILE B 336 -37.62 1.72 -0.02
C ILE B 336 -37.30 3.08 0.57
N PHE B 337 -36.10 3.19 1.13
CA PHE B 337 -35.62 4.44 1.67
C PHE B 337 -34.30 4.80 0.99
N ALA B 338 -33.99 6.09 0.96
CA ALA B 338 -32.76 6.57 0.35
C ALA B 338 -32.11 7.64 1.24
N ILE B 339 -30.83 7.46 1.57
CA ILE B 339 -30.08 8.46 2.31
C ILE B 339 -28.78 8.80 1.58
N GLY B 340 -28.23 9.96 1.92
CA GLY B 340 -26.97 10.42 1.33
C GLY B 340 -27.11 10.86 -0.11
N ASP B 341 -25.99 10.82 -0.83
CA ASP B 341 -25.88 11.45 -2.14
C ASP B 341 -26.83 10.91 -3.22
N ASN B 342 -27.27 9.66 -3.11
CA ASN B 342 -28.21 9.11 -4.11
C ASN B 342 -29.66 9.53 -3.84
N ALA B 343 -29.92 10.11 -2.68
CA ALA B 343 -31.23 10.66 -2.35
C ALA B 343 -31.29 12.13 -2.73
N PHE B 344 -32.50 12.65 -2.91
CA PHE B 344 -32.71 14.08 -3.14
C PHE B 344 -33.68 14.67 -2.11
N ALA B 345 -33.15 15.44 -1.18
CA ALA B 345 -33.96 16.11 -0.17
C ALA B 345 -33.66 17.61 -0.18
N GLY B 346 -33.24 18.10 -1.34
CA GLY B 346 -32.77 19.49 -1.47
C GLY B 346 -31.76 19.89 -0.40
N LEU B 347 -30.89 18.95 -0.02
CA LEU B 347 -29.86 19.20 0.98
C LEU B 347 -28.49 19.01 0.34
N PRO B 348 -27.43 19.59 0.95
CA PRO B 348 -26.12 19.48 0.32
C PRO B 348 -25.60 18.05 0.30
N PRO B 349 -24.94 17.62 -0.79
CA PRO B 349 -24.37 16.27 -0.83
C PRO B 349 -23.10 16.18 0.02
N THR B 350 -23.29 15.93 1.31
CA THR B 350 -22.20 15.94 2.28
C THR B 350 -22.32 14.79 3.26
N ALA B 351 -21.18 14.33 3.76
CA ALA B 351 -21.14 13.25 4.73
C ALA B 351 -21.90 13.64 6.00
N GLN B 352 -21.86 14.94 6.32
CA GLN B 352 -22.62 15.48 7.43
C GLN B 352 -24.11 15.21 7.28
N VAL B 353 -24.64 15.47 6.10
CA VAL B 353 -26.04 15.19 5.79
C VAL B 353 -26.32 13.68 5.81
N ALA B 354 -25.43 12.90 5.20
CA ALA B 354 -25.61 11.45 5.14
C ALA B 354 -25.58 10.82 6.53
N HIS B 355 -24.70 11.34 7.39
CA HIS B 355 -24.59 10.87 8.78
C HIS B 355 -25.85 11.09 9.57
N GLN B 356 -26.42 12.28 9.46
CA GLN B 356 -27.65 12.59 10.18
C GLN B 356 -28.83 11.80 9.64
N GLU B 357 -29.02 11.87 8.32
CA GLU B 357 -30.06 11.09 7.65
C GLU B 357 -30.08 9.63 8.13
N ALA B 358 -28.91 9.00 8.16
CA ALA B 358 -28.77 7.61 8.60
C ALA B 358 -29.27 7.40 10.02
N GLU B 359 -28.78 8.22 10.96
CA GLU B 359 -29.19 8.11 12.37
C GLU B 359 -30.69 8.25 12.54
N TYR B 360 -31.25 9.32 11.97
CA TYR B 360 -32.69 9.55 11.99
C TYR B 360 -33.45 8.31 11.54
N LEU B 361 -33.03 7.71 10.43
CA LEU B 361 -33.73 6.55 9.87
C LEU B 361 -33.61 5.32 10.79
N ALA B 362 -32.42 5.08 11.31
CA ALA B 362 -32.19 3.96 12.22
C ALA B 362 -33.10 4.04 13.43
N LYS B 363 -33.19 5.23 14.03
CA LYS B 363 -34.06 5.46 15.18
C LYS B 363 -35.54 5.24 14.82
N ASN B 364 -35.94 5.74 13.65
CA ASN B 364 -37.27 5.45 13.12
C ASN B 364 -37.51 3.94 12.97
N PHE B 365 -36.47 3.19 12.61
CA PHE B 365 -36.61 1.75 12.38
C PHE B 365 -36.90 0.91 13.63
N ASP B 366 -36.27 1.25 14.76
CA ASP B 366 -36.59 0.55 16.02
C ASP B 366 -37.89 1.09 16.65
N LYS B 367 -38.35 2.24 16.15
CA LYS B 367 -39.65 2.77 16.52
C LYS B 367 -40.73 1.95 15.82
N MET B 368 -40.51 1.67 14.54
CA MET B 368 -41.39 0.79 13.76
C MET B 368 -41.48 -0.61 14.36
N ALA B 369 -40.40 -1.07 14.99
CA ALA B 369 -40.35 -2.42 15.57
C ALA B 369 -41.42 -2.66 16.64
N GLN B 370 -41.83 -1.60 17.34
CA GLN B 370 -42.82 -1.71 18.41
C GLN B 370 -44.26 -1.38 17.99
N ILE B 371 -44.55 -1.49 16.69
CA ILE B 371 -45.88 -1.22 16.16
C ILE B 371 -46.36 -2.41 15.33
N PRO B 372 -47.53 -2.99 15.67
CA PRO B 372 -48.09 -4.17 15.01
C PRO B 372 -48.17 -4.09 13.48
N ASN B 373 -48.58 -2.94 12.96
CA ASN B 373 -48.88 -2.78 11.53
C ASN B 373 -47.69 -3.04 10.60
N PHE B 374 -46.49 -2.71 11.07
CA PHE B 374 -45.27 -2.92 10.29
C PHE B 374 -44.81 -4.38 10.34
N GLN B 375 -45.28 -5.13 11.33
CA GLN B 375 -44.93 -6.54 11.46
C GLN B 375 -45.72 -7.38 10.46
N LYS B 384 -49.71 3.06 2.38
CA LYS B 384 -49.77 1.90 3.26
C LYS B 384 -48.70 1.98 4.36
N ILE B 385 -47.50 2.45 4.00
CA ILE B 385 -46.44 2.81 4.98
C ILE B 385 -46.26 4.34 5.05
N ASP B 386 -46.34 4.99 3.89
CA ASP B 386 -46.49 6.46 3.79
C ASP B 386 -47.40 7.07 4.86
N LEU B 387 -48.59 6.48 5.02
CA LEU B 387 -49.61 7.01 5.94
C LEU B 387 -49.28 6.69 7.40
N LEU B 388 -48.85 5.46 7.65
CA LEU B 388 -48.51 5.01 9.01
C LEU B 388 -47.51 5.93 9.71
N PHE B 389 -46.55 6.46 8.96
CA PHE B 389 -45.52 7.34 9.53
C PHE B 389 -46.14 8.56 10.19
N GLU B 390 -47.00 9.27 9.46
CA GLU B 390 -47.67 10.45 10.00
C GLU B 390 -48.71 10.07 11.03
N GLU B 391 -49.39 8.94 10.80
CA GLU B 391 -50.44 8.46 11.70
C GLU B 391 -49.89 8.12 13.08
N ASN B 392 -48.78 7.39 13.13
CA ASN B 392 -48.18 6.96 14.40
C ASN B 392 -47.31 8.03 15.08
N ASN B 393 -47.26 9.23 14.50
CA ASN B 393 -46.72 10.41 15.18
C ASN B 393 -45.24 10.33 15.55
N PHE B 394 -44.36 10.36 14.56
CA PHE B 394 -42.97 10.71 14.83
C PHE B 394 -42.40 11.66 13.77
N LYS B 395 -41.42 12.44 14.21
CA LYS B 395 -41.01 13.66 13.51
C LYS B 395 -40.50 13.37 12.11
N PRO B 396 -40.61 14.37 11.21
CA PRO B 396 -39.91 14.30 9.94
C PRO B 396 -38.44 14.60 10.17
N PHE B 397 -37.60 14.32 9.18
CA PHE B 397 -36.18 14.61 9.29
C PHE B 397 -35.92 16.10 9.13
N LYS B 398 -35.29 16.69 10.14
CA LYS B 398 -34.81 18.05 10.06
C LYS B 398 -33.28 18.01 10.09
N TYR B 399 -32.65 18.58 9.08
CA TYR B 399 -31.18 18.64 9.03
C TYR B 399 -30.67 19.76 9.92
N ASN B 400 -29.63 19.46 10.68
CA ASN B 400 -28.96 20.45 11.49
C ASN B 400 -27.58 20.70 10.90
N ASP B 401 -27.37 21.90 10.38
CA ASP B 401 -26.10 22.28 9.77
C ASP B 401 -25.05 22.61 10.82
N LEU B 402 -24.04 21.75 10.94
CA LEU B 402 -23.03 21.91 11.98
C LEU B 402 -21.88 22.84 11.58
N GLY B 403 -21.74 23.08 10.29
CA GLY B 403 -20.74 24.03 9.78
C GLY B 403 -19.88 23.46 8.67
N ALA B 404 -18.63 23.91 8.58
CA ALA B 404 -17.71 23.42 7.56
C ALA B 404 -16.25 23.58 7.96
N LEU B 405 -15.41 22.67 7.46
CA LEU B 405 -13.96 22.67 7.72
C LEU B 405 -13.21 22.42 6.41
N ALA B 406 -12.09 23.11 6.22
CA ALA B 406 -11.25 22.89 5.05
C ALA B 406 -9.77 23.20 5.32
N TYR B 407 -8.90 22.24 5.03
CA TYR B 407 -7.44 22.43 5.10
C TYR B 407 -6.93 23.11 3.83
N LEU B 408 -6.06 24.11 4.02
CA LEU B 408 -5.58 24.96 2.92
C LEU B 408 -4.12 24.74 2.51
N GLY B 409 -3.42 23.86 3.23
CA GLY B 409 -2.00 23.64 2.99
C GLY B 409 -1.14 24.38 4.00
N SER B 410 0.16 24.14 3.96
CA SER B 410 1.11 24.84 4.82
C SER B 410 0.62 25.00 6.25
N GLU B 411 0.00 23.95 6.77
CA GLU B 411 -0.45 23.91 8.16
C GLU B 411 -1.39 25.07 8.50
N ARG B 412 -2.35 25.30 7.60
CA ARG B 412 -3.42 26.28 7.84
C ARG B 412 -4.75 25.71 7.38
N ALA B 413 -5.81 26.05 8.11
CA ALA B 413 -7.17 25.64 7.75
C ALA B 413 -8.19 26.68 8.17
N ILE B 414 -9.39 26.59 7.60
CA ILE B 414 -10.52 27.45 7.98
C ILE B 414 -11.64 26.59 8.56
N ALA B 415 -12.39 27.17 9.49
CA ALA B 415 -13.43 26.43 10.21
C ALA B 415 -14.62 27.31 10.56
N THR B 416 -15.81 26.70 10.58
CA THR B 416 -17.03 27.32 11.12
C THR B 416 -17.83 26.24 11.82
N ILE B 417 -18.23 26.51 13.06
CA ILE B 417 -18.86 25.51 13.91
C ILE B 417 -20.14 26.10 14.51
N ARG B 418 -21.28 25.57 14.10
CA ARG B 418 -22.58 26.09 14.50
C ARG B 418 -23.55 24.97 14.82
N SER B 419 -24.65 25.32 15.45
CA SER B 419 -25.78 24.41 15.62
C SER B 419 -27.07 25.22 15.68
N GLY B 420 -27.82 25.17 14.58
CA GLY B 420 -29.01 25.98 14.42
C GLY B 420 -28.62 27.39 14.06
N LYS B 421 -29.00 28.34 14.91
CA LYS B 421 -28.77 29.75 14.65
C LYS B 421 -27.42 30.24 15.17
N ARG B 422 -26.99 29.72 16.34
CA ARG B 422 -25.75 30.18 16.97
C ARG B 422 -24.52 29.67 16.21
N THR B 423 -23.52 30.54 16.05
CA THR B 423 -22.24 30.19 15.43
C THR B 423 -21.13 30.47 16.44
N PHE B 424 -20.32 29.45 16.71
CA PHE B 424 -19.28 29.52 17.75
C PHE B 424 -18.04 28.74 17.36
N TYR B 425 -16.99 29.45 16.93
CA TYR B 425 -15.81 28.80 16.35
C TYR B 425 -14.58 29.71 16.31
N THR B 426 -13.45 29.12 15.90
CA THR B 426 -12.28 29.90 15.49
C THR B 426 -11.91 29.45 14.08
N GLY B 427 -11.92 30.38 13.13
CA GLY B 427 -11.72 30.04 11.71
C GLY B 427 -10.51 30.68 11.04
N GLY B 428 -9.50 31.05 11.85
CA GLY B 428 -8.30 31.72 11.35
C GLY B 428 -7.35 30.80 10.61
N GLY B 429 -6.18 30.52 11.20
CA GLY B 429 -5.12 29.79 10.51
C GLY B 429 -4.53 28.62 11.27
N LEU B 430 -3.38 28.85 11.90
CA LEU B 430 -2.63 27.77 12.57
C LEU B 430 -3.45 27.16 13.69
N MET B 431 -4.12 28.00 14.46
CA MET B 431 -5.03 27.54 15.50
C MET B 431 -6.06 26.58 14.88
N THR B 432 -6.74 27.08 13.86
CA THR B 432 -7.80 26.33 13.17
C THR B 432 -7.30 25.03 12.56
N PHE B 433 -6.05 25.02 12.10
CA PHE B 433 -5.42 23.81 11.57
C PHE B 433 -5.37 22.69 12.61
N TYR B 434 -5.05 23.04 13.86
CA TYR B 434 -5.08 22.07 14.94
C TYR B 434 -6.52 21.63 15.18
N LEU B 435 -7.42 22.60 15.32
CA LEU B 435 -8.84 22.29 15.52
C LEU B 435 -9.26 21.28 14.46
N TRP B 436 -9.00 21.65 13.21
CA TRP B 436 -9.27 20.80 12.04
C TRP B 436 -8.78 19.40 12.28
N ARG B 437 -7.52 19.27 12.70
CA ARG B 437 -6.94 17.98 13.05
C ARG B 437 -7.77 17.26 14.12
N ILE B 438 -7.90 17.87 15.30
CA ILE B 438 -8.67 17.26 16.40
C ILE B 438 -10.05 16.84 15.93
N LEU B 439 -10.79 17.79 15.37
CA LEU B 439 -12.17 17.58 14.99
C LEU B 439 -12.34 16.42 14.01
N TYR B 440 -11.42 16.28 13.07
CA TYR B 440 -11.43 15.16 12.13
C TYR B 440 -11.20 13.83 12.87
N LEU B 441 -10.06 13.72 13.57
CA LEU B 441 -9.80 12.56 14.45
C LEU B 441 -11.09 12.09 15.15
N SER B 442 -11.72 13.02 15.90
CA SER B 442 -12.92 12.72 16.68
C SER B 442 -14.09 12.17 15.88
N MET B 443 -14.33 12.71 14.69
CA MET B 443 -15.46 12.25 13.87
C MET B 443 -15.09 11.13 12.89
N ILE B 444 -14.02 10.39 13.20
CA ILE B 444 -13.72 9.14 12.51
C ILE B 444 -14.57 8.04 13.14
N LEU B 445 -14.92 7.04 12.34
CA LEU B 445 -15.90 6.02 12.77
C LEU B 445 -15.33 4.83 13.57
N SER B 446 -14.02 4.78 13.76
CA SER B 446 -13.40 3.63 14.44
C SER B 446 -12.05 3.97 15.09
N ALA B 447 -11.83 3.39 16.26
CA ALA B 447 -10.57 3.55 17.01
C ALA B 447 -9.34 3.21 16.19
N ARG B 448 -9.45 2.19 15.34
CA ARG B 448 -8.33 1.75 14.51
C ARG B 448 -7.96 2.82 13.50
N SER B 449 -8.94 3.30 12.76
CA SER B 449 -8.71 4.34 11.77
C SER B 449 -8.18 5.58 12.47
N ARG B 450 -8.73 5.84 13.65
CA ARG B 450 -8.31 6.96 14.50
C ARG B 450 -6.86 6.84 14.94
N LEU B 451 -6.46 5.68 15.45
CA LEU B 451 -5.09 5.51 15.93
C LEU B 451 -4.09 5.58 14.80
N LYS B 452 -4.45 4.96 13.67
CA LYS B 452 -3.59 4.96 12.49
C LYS B 452 -3.25 6.38 12.04
N VAL B 453 -4.27 7.24 11.92
CA VAL B 453 -4.01 8.60 11.48
C VAL B 453 -3.21 9.38 12.51
N PHE B 454 -3.50 9.15 13.80
CA PHE B 454 -2.76 9.80 14.86
C PHE B 454 -1.26 9.50 14.71
N PHE B 455 -0.92 8.24 14.45
CA PHE B 455 0.47 7.86 14.18
C PHE B 455 1.00 8.43 12.86
N ASP B 456 0.17 8.45 11.83
CA ASP B 456 0.58 9.02 10.54
C ASP B 456 1.01 10.50 10.66
N TRP B 457 0.36 11.24 11.56
CA TRP B 457 0.68 12.65 11.75
C TRP B 457 1.91 12.86 12.59
N ILE B 458 2.19 11.91 13.46
CA ILE B 458 3.40 12.00 14.28
C ILE B 458 4.62 11.72 13.41
N LYS B 459 4.54 10.65 12.63
CA LYS B 459 5.63 10.30 11.70
C LYS B 459 5.86 11.42 10.69
N LEU B 460 4.78 12.09 10.29
CA LEU B 460 4.89 13.29 9.46
C LEU B 460 5.73 14.37 10.15
N ALA B 461 5.47 14.61 11.43
CA ALA B 461 6.20 15.62 12.21
C ALA B 461 7.71 15.40 12.23
N PHE B 462 8.14 14.14 12.13
CA PHE B 462 9.57 13.79 12.18
C PHE B 462 10.18 13.42 10.81
N PHE B 463 9.40 12.79 9.92
CA PHE B 463 9.96 12.20 8.68
C PHE B 463 9.25 12.56 7.37
N LYS B 464 8.11 13.23 7.46
CA LYS B 464 7.42 13.80 6.30
C LYS B 464 7.27 12.91 5.06
N ARG B 465 6.30 11.99 5.12
CA ARG B 465 5.64 11.40 3.94
C ARG B 465 6.36 10.32 3.14
N ASP B 466 5.60 9.26 2.85
CA ASP B 466 6.03 8.20 1.94
C ASP B 466 5.41 8.40 0.56
N PHE B 467 6.27 8.44 -0.46
CA PHE B 467 5.82 8.61 -1.85
C PHE B 467 6.35 7.48 -2.72
N PHE B 468 5.75 6.31 -2.58
CA PHE B 468 6.18 5.13 -3.33
C PHE B 468 5.25 4.86 -4.52
N LYS B 469 5.78 4.91 -5.74
CA LYS B 469 4.95 4.73 -6.93
C LYS B 469 4.35 3.33 -7.10
N GLY B 470 4.89 2.34 -6.40
CA GLY B 470 4.40 0.97 -6.52
C GLY B 470 3.71 0.46 -5.28
N LEU B 471 3.35 1.38 -4.38
CA LEU B 471 2.78 0.99 -3.09
C LEU B 471 1.75 2.01 -2.61
PA FAD C . 20.34 -7.63 -1.19
O1A FAD C . 20.28 -7.15 0.25
O2A FAD C . 19.25 -8.50 -1.75
O5B FAD C . 20.39 -6.38 -2.14
C5B FAD C . 20.75 -6.59 -3.49
C4B FAD C . 20.38 -5.33 -4.25
O4B FAD C . 20.70 -5.46 -5.64
C3B FAD C . 18.88 -5.08 -4.18
O3B FAD C . 18.70 -3.74 -3.71
C2B FAD C . 18.38 -5.30 -5.58
O2B FAD C . 17.24 -4.47 -5.87
C1B FAD C . 19.62 -4.96 -6.40
N9A FAD C . 19.77 -5.54 -7.76
C8A FAD C . 19.35 -6.74 -8.22
N7A FAD C . 19.72 -6.90 -9.52
C5A FAD C . 20.39 -5.81 -9.90
C6A FAD C . 21.04 -5.32 -11.12
N6A FAD C . 21.05 -6.08 -12.24
N1A FAD C . 21.64 -4.11 -11.10
C2A FAD C . 21.65 -3.34 -9.99
N3A FAD C . 21.08 -3.72 -8.84
C4A FAD C . 20.44 -4.92 -8.73
N1 FAD C . 19.70 -12.39 6.96
C2 FAD C . 19.93 -12.27 8.30
O2 FAD C . 21.12 -12.17 8.70
N3 FAD C . 18.95 -12.26 9.22
C4 FAD C . 17.65 -12.36 8.87
O4 FAD C . 16.75 -12.34 9.76
C4X FAD C . 17.31 -12.50 7.43
N5 FAD C . 16.03 -12.61 7.01
C5X FAD C . 15.74 -12.72 5.70
C6 FAD C . 14.40 -12.82 5.33
C7 FAD C . 14.06 -12.94 3.98
C7M FAD C . 12.62 -13.06 3.57
C8 FAD C . 15.13 -12.97 2.96
C8M FAD C . 14.76 -13.10 1.49
C9 FAD C . 16.47 -12.86 3.32
C9A FAD C . 16.82 -12.74 4.68
N10 FAD C . 18.18 -12.62 5.09
C10 FAD C . 18.44 -12.51 6.47
C1' FAD C . 19.32 -12.65 4.14
C2' FAD C . 19.74 -11.26 3.68
O2' FAD C . 18.58 -10.52 3.30
C3' FAD C . 20.72 -11.34 2.52
O3' FAD C . 21.90 -12.07 2.90
C4' FAD C . 21.10 -9.93 2.06
O4' FAD C . 19.99 -9.39 1.36
C5' FAD C . 22.32 -9.88 1.14
O5' FAD C . 22.66 -8.51 0.91
P FAD C . 23.10 -8.04 -0.56
O1P FAD C . 23.37 -6.55 -0.50
O2P FAD C . 24.17 -8.99 -1.07
O3P FAD C . 21.78 -8.33 -1.45
PA NAD D . 18.22 -21.50 3.12
O1A NAD D . 17.76 -20.98 1.78
O2A NAD D . 19.69 -21.52 3.44
O5B NAD D . 17.66 -23.00 3.30
C5B NAD D . 16.65 -23.48 2.42
C4B NAD D . 16.25 -24.87 2.87
O4B NAD D . 15.37 -25.48 1.92
C3B NAD D . 17.46 -25.78 3.00
O3B NAD D . 17.58 -26.23 4.35
C2B NAD D . 17.20 -26.93 2.05
O2B NAD D . 17.54 -28.19 2.64
C1B NAD D . 15.71 -26.85 1.76
N9A NAD D . 15.40 -27.32 0.39
C8A NAD D . 16.16 -27.15 -0.70
N7A NAD D . 15.57 -27.70 -1.79
C5A NAD D . 14.41 -28.24 -1.38
C6A NAD D . 13.30 -28.99 -2.02
N6A NAD D . 13.33 -29.27 -3.34
N1A NAD D . 12.28 -29.38 -1.23
C2A NAD D . 12.24 -29.11 0.10
N3A NAD D . 13.22 -28.43 0.73
C4A NAD D . 14.30 -27.99 0.06
O3 NAD D . 17.44 -20.69 4.27
PN NAD D . 16.51 -19.41 3.93
O1N NAD D . 15.66 -19.09 5.15
O2N NAD D . 15.83 -19.67 2.60
O5D NAD D . 17.58 -18.22 3.74
C5D NAD D . 17.51 -17.07 4.59
C4D NAD D . 18.89 -16.76 5.15
O4D NAD D . 18.80 -15.91 6.29
C3D NAD D . 19.64 -18.02 5.60
O3D NAD D . 20.79 -18.24 4.78
C2D NAD D . 20.05 -17.76 7.04
O2D NAD D . 21.41 -18.14 7.28
C1D NAD D . 19.85 -16.25 7.19
N1N NAD D . 19.53 -15.83 8.55
C2N NAD D . 20.46 -15.20 9.28
C3N NAD D . 20.18 -14.77 10.57
C7N NAD D . 21.23 -14.06 11.35
O7N NAD D . 20.95 -12.98 11.86
N7N NAD D . 22.45 -14.58 11.44
C4N NAD D . 18.91 -14.99 11.09
C5N NAD D . 17.96 -15.64 10.32
C6N NAD D . 18.30 -16.05 9.04
PA FAD E . -20.58 7.32 -0.23
O1A FAD E . -20.10 7.70 1.16
O2A FAD E . -19.81 7.72 -1.46
O5B FAD E . -20.65 5.73 -0.24
C5B FAD E . -21.31 5.07 -1.31
C4B FAD E . -21.12 3.58 -1.12
O4B FAD E . -21.85 2.88 -2.13
C3B FAD E . -19.69 3.12 -1.29
O3B FAD E . -19.46 2.13 -0.29
C2B FAD E . -19.65 2.56 -2.70
O2B FAD E . -18.61 1.58 -2.92
C1B FAD E . -21.01 1.93 -2.76
N9A FAD E . -21.56 1.67 -4.10
C8A FAD E . -21.37 2.35 -5.24
N7A FAD E . -22.10 1.77 -6.25
C5A FAD E . -22.76 0.72 -5.73
C6A FAD E . -23.70 -0.31 -6.22
N6A FAD E . -24.08 -0.35 -7.51
N1A FAD E . -24.15 -1.23 -5.33
C2A FAD E . -23.78 -1.21 -4.03
N3A FAD E . -22.93 -0.29 -3.52
C4A FAD E . -22.40 0.67 -4.31
N1 FAD E . -18.32 15.56 2.86
C2 FAD E . -18.18 16.30 4.00
O2 FAD E . -19.20 16.56 4.67
N3 FAD E . -17.00 16.75 4.44
C4 FAD E . -15.86 16.52 3.79
O4 FAD E . -14.79 16.96 4.25
C4X FAD E . -15.91 15.72 2.54
N5 FAD E . -14.80 15.44 1.82
C5X FAD E . -14.86 14.72 0.68
C6 FAD E . -13.66 14.46 0.00
C7 FAD E . -13.68 13.72 -1.18
C7M FAD E . -12.40 13.44 -1.92
C8 FAD E . -14.97 13.20 -1.69
C8M FAD E . -15.00 12.40 -2.97
C9 FAD E . -16.16 13.45 -1.01
C9A FAD E . -16.16 14.20 0.18
N10 FAD E . -17.34 14.49 0.92
C10 FAD E . -17.24 15.25 2.10
C1' FAD E . -18.68 14.07 0.51
C2' FAD E . -19.13 12.83 1.24
O2' FAD E . -18.09 11.84 1.19
C3' FAD E . -20.40 12.31 0.57
O3' FAD E . -21.41 13.33 0.57
C4' FAD E . -20.84 11.08 1.31
O4' FAD E . -19.84 10.09 1.07
C5' FAD E . -22.19 10.54 0.86
O5' FAD E . -22.43 9.30 1.50
P FAD E . -23.18 8.17 0.66
O1P FAD E . -23.40 6.97 1.55
O2P FAD E . -24.38 8.81 0.00
O3P FAD E . -22.11 7.78 -0.49
PA NAD F . -18.28 20.42 -5.10
O1A NAD F . -19.39 19.64 -5.76
O2A NAD F . -18.47 20.98 -3.70
O5B NAD F . -17.88 21.64 -6.07
C5B NAD F . -17.31 21.45 -7.37
C4B NAD F . -16.71 22.78 -7.85
O4B NAD F . -16.22 22.68 -9.20
C3B NAD F . -17.74 23.89 -7.85
O3B NAD F . -17.21 25.03 -7.17
C2B NAD F . -17.97 24.23 -9.32
O2B NAD F . -18.27 25.60 -9.51
C1B NAD F . -16.64 23.82 -9.96
N9A NAD F . -16.76 23.46 -11.39
C8A NAD F . -17.79 22.78 -11.97
N7A NAD F . -17.56 22.60 -13.30
C5A NAD F . -16.38 23.17 -13.58
C6A NAD F . -15.55 23.34 -14.80
N6A NAD F . -15.97 22.86 -15.99
N1A NAD F . -14.37 24.00 -14.67
C2A NAD F . -13.95 24.49 -13.49
N3A NAD F . -14.66 24.36 -12.34
C4A NAD F . -15.85 23.73 -12.33
O3 NAD F . -16.96 19.49 -4.99
PN NAD F . -16.82 18.42 -3.79
O1N NAD F . -15.84 17.35 -4.21
O2N NAD F . -18.21 18.00 -3.33
O5D NAD F . -16.16 19.29 -2.60
C5D NAD F . -16.24 18.84 -1.24
C4D NAD F . -17.66 18.46 -0.87
O4D NAD F . -17.73 18.10 0.51
C3D NAD F . -18.62 19.62 -1.06
O3D NAD F . -19.83 19.12 -1.65
C2D NAD F . -18.84 20.19 0.33
O2D NAD F . -20.18 20.67 0.54
C1D NAD F . -18.53 19.03 1.26
N1N NAD F . -17.79 19.41 2.45
C2N NAD F . -18.38 19.40 3.66
C3N NAD F . -17.67 19.74 4.80
C7N NAD F . -18.33 19.70 6.16
O7N NAD F . -17.71 19.18 7.08
N7N NAD F . -19.54 20.20 6.31
C4N NAD F . -16.35 20.11 4.70
C5N NAD F . -15.75 20.13 3.44
C6N NAD F . -16.51 19.76 2.33
#